data_4J0X
#
_entry.id   4J0X
#
_cell.length_a   48.445
_cell.length_b   78.557
_cell.length_c   80.029
_cell.angle_alpha   61.77
_cell.angle_beta   86.44
_cell.angle_gamma   71.99
#
_symmetry.space_group_name_H-M   'P 1'
#
loop_
_entity.id
_entity.type
_entity.pdbx_description
1 polymer 'Ribosomal RNA-processing protein 9'
2 water water
#
_entity_poly.entity_id   1
_entity_poly.type   'polypeptide(L)'
_entity_poly.pdbx_seq_one_letter_code
;GPEAEQQGRVFRYFGDKLLISEAKQSFTRVGENNLTCISCFQPVLNKYTFEESSNGDKNKGRLFAYTVSKDLQLTKYDIT
DFSKRPKKLKYAKGGAKYIPTSKHEYENTTEGHYDEILTVAASPDGKYVVTGGRDRKLIVWSTESLSPVKVIPTKDRRGE
VLSLAFRKNSDQLYASCADFKIRTYSINQFSQLEILYGHHDIVEDISALAMERCVTVGARDRTAMLWKIPDETRLTFRGG
DEPQKLLRRWMKENAKEGEDGEVKYPDESEAPLFFCEGSIDVVSMVDDFHFITGSDNGNICLWSLAKKKPIFTERIAHGI
LPEPSFNDISGETDEELRKRQLQGKKLLQPFWITSLYAIPYSNVFISGSWSGSLKVWKISDNLRSFELLGELSGAKGVVT
KIQVVESGKHGKEKFRILASIAKEHRLGRWIANVSGARNGIYSAVIDQTGF
;
_entity_poly.pdbx_strand_id   A,B
#
# COMPACT_ATOMS: atom_id res chain seq x y z
N GLY A 8 -0.32 11.11 -35.63
CA GLY A 8 -0.04 11.31 -34.22
C GLY A 8 1.11 10.44 -33.73
N ARG A 9 2.28 10.59 -34.35
CA ARG A 9 3.45 9.83 -33.97
C ARG A 9 4.66 10.72 -33.68
N VAL A 10 5.78 10.09 -33.32
CA VAL A 10 7.01 10.81 -33.01
C VAL A 10 7.62 11.45 -34.26
N PHE A 11 7.81 12.77 -34.21
CA PHE A 11 8.38 13.51 -35.33
C PHE A 11 9.46 14.50 -34.88
N ARG A 12 9.61 14.67 -33.58
CA ARG A 12 10.61 15.59 -33.03
C ARG A 12 11.93 14.87 -32.70
N TYR A 13 12.93 15.08 -33.55
CA TYR A 13 14.24 14.48 -33.32
C TYR A 13 15.30 15.54 -32.98
N PHE A 14 15.32 15.97 -31.72
CA PHE A 14 16.31 16.94 -31.26
C PHE A 14 17.22 16.38 -30.16
N GLY A 15 17.09 15.08 -29.92
CA GLY A 15 17.85 14.39 -28.89
C GLY A 15 19.36 14.61 -29.01
N ASP A 16 19.88 14.40 -30.22
CA ASP A 16 21.30 14.56 -30.47
C ASP A 16 21.76 16.03 -30.43
N LYS A 17 20.84 16.94 -30.70
CA LYS A 17 21.17 18.37 -30.71
C LYS A 17 21.36 18.96 -29.31
N LEU A 18 20.79 18.33 -28.29
CA LEU A 18 20.71 18.95 -26.97
C LEU A 18 22.07 19.18 -26.31
N LEU A 19 22.30 20.43 -25.91
CA LEU A 19 23.53 20.80 -25.22
C LEU A 19 23.33 20.62 -23.72
N ILE A 20 23.31 19.36 -23.30
CA ILE A 20 22.98 18.99 -21.94
C ILE A 20 24.14 19.27 -20.97
N SER A 21 25.34 18.87 -21.37
CA SER A 21 26.55 19.10 -20.59
C SER A 21 26.76 20.57 -20.19
N GLU A 22 26.20 21.48 -20.97
CA GLU A 22 26.33 22.91 -20.70
C GLU A 22 25.00 23.56 -20.30
N ALA A 23 24.11 22.75 -19.74
CA ALA A 23 22.81 23.21 -19.25
C ALA A 23 22.95 24.21 -18.12
N LYS A 24 22.12 25.25 -18.12
CA LYS A 24 22.09 26.22 -17.03
C LYS A 24 21.16 25.76 -15.91
N GLN A 25 21.72 25.55 -14.72
CA GLN A 25 20.94 24.97 -13.63
C GLN A 25 20.68 25.96 -12.50
N SER A 26 19.47 25.93 -11.96
CA SER A 26 19.12 26.76 -10.81
C SER A 26 18.16 26.03 -9.87
N PHE A 27 18.06 26.51 -8.64
CA PHE A 27 17.09 25.97 -7.69
C PHE A 27 16.40 27.13 -6.97
N THR A 28 15.09 27.00 -6.74
CA THR A 28 14.37 28.03 -6.00
C THR A 28 13.67 27.46 -4.78
N ARG A 29 14.10 27.91 -3.60
CA ARG A 29 13.50 27.46 -2.36
C ARG A 29 12.05 27.94 -2.23
N VAL A 30 11.23 27.13 -1.57
CA VAL A 30 9.88 27.55 -1.22
C VAL A 30 9.73 27.43 0.29
N GLY A 31 8.83 28.22 0.87
CA GLY A 31 8.61 28.19 2.31
C GLY A 31 7.63 27.10 2.69
N GLU A 32 7.29 26.26 1.72
CA GLU A 32 6.35 25.16 1.91
C GLU A 32 7.07 23.85 2.21
N ASN A 33 6.32 22.89 2.73
CA ASN A 33 6.84 21.54 2.93
C ASN A 33 6.32 20.55 1.90
N ASN A 34 7.23 19.94 1.15
CA ASN A 34 6.92 18.80 0.30
C ASN A 34 6.01 19.08 -0.90
N LEU A 35 6.57 19.74 -1.91
CA LEU A 35 5.94 19.81 -3.22
C LEU A 35 5.66 18.40 -3.70
N THR A 36 4.45 18.16 -4.19
CA THR A 36 4.05 16.83 -4.61
C THR A 36 3.90 16.76 -6.12
N CYS A 37 3.68 17.92 -6.73
CA CYS A 37 3.46 17.98 -8.16
C CYS A 37 3.72 19.37 -8.71
N ILE A 38 4.13 19.43 -9.97
CA ILE A 38 4.28 20.69 -10.67
C ILE A 38 3.59 20.57 -12.04
N SER A 39 2.86 21.60 -12.43
CA SER A 39 2.20 21.61 -13.73
C SER A 39 2.56 22.88 -14.47
N CYS A 40 3.04 22.72 -15.70
CA CYS A 40 3.42 23.86 -16.51
C CYS A 40 2.41 24.14 -17.62
N PHE A 41 2.15 25.43 -17.85
CA PHE A 41 1.30 25.82 -18.96
C PHE A 41 2.11 26.38 -20.13
N GLN A 42 1.78 25.92 -21.33
CA GLN A 42 2.44 26.39 -22.54
C GLN A 42 1.40 26.70 -23.62
N PRO A 43 1.37 27.95 -24.09
CA PRO A 43 0.54 28.35 -25.24
C PRO A 43 0.72 27.43 -26.44
N ARG A 62 3.75 33.52 -23.01
CA ARG A 62 3.83 33.65 -21.55
C ARG A 62 3.58 32.31 -20.89
N LEU A 63 4.60 31.80 -20.19
CA LEU A 63 4.57 30.45 -19.64
C LEU A 63 4.39 30.46 -18.11
N PHE A 64 3.61 29.51 -17.61
CA PHE A 64 3.32 29.42 -16.18
C PHE A 64 3.62 28.05 -15.58
N ALA A 65 3.88 28.04 -14.28
CA ALA A 65 4.03 26.78 -13.55
C ALA A 65 3.13 26.82 -12.32
N TYR A 66 2.58 25.67 -11.94
CA TYR A 66 1.77 25.61 -10.73
C TYR A 66 2.28 24.49 -9.84
N THR A 67 2.45 24.81 -8.55
CA THR A 67 2.96 23.83 -7.61
C THR A 67 1.97 23.59 -6.48
N VAL A 68 1.90 22.35 -6.01
CA VAL A 68 1.06 21.99 -4.87
C VAL A 68 1.89 21.27 -3.82
N SER A 69 1.47 21.37 -2.57
CA SER A 69 2.24 20.83 -1.47
C SER A 69 1.36 20.13 -0.44
N LYS A 70 1.99 19.27 0.36
CA LYS A 70 1.31 18.64 1.49
C LYS A 70 0.85 19.69 2.49
N ASP A 71 1.55 20.83 2.50
CA ASP A 71 1.20 21.97 3.35
C ASP A 71 -0.06 22.71 2.88
N LEU A 72 -0.71 22.17 1.85
CA LEU A 72 -1.99 22.69 1.35
C LEU A 72 -1.87 23.97 0.54
N GLN A 73 -0.67 24.27 0.06
CA GLN A 73 -0.45 25.50 -0.71
C GLN A 73 -0.40 25.24 -2.22
N LEU A 74 -1.12 26.07 -2.96
CA LEU A 74 -1.05 26.10 -4.41
C LEU A 74 -0.36 27.40 -4.79
N THR A 75 0.62 27.32 -5.68
CA THR A 75 1.42 28.50 -6.02
C THR A 75 1.61 28.62 -7.52
N LYS A 76 1.55 29.86 -8.02
CA LYS A 76 1.68 30.13 -9.44
C LYS A 76 2.96 30.89 -9.73
N TYR A 77 3.71 30.44 -10.72
CA TYR A 77 4.96 31.07 -11.11
C TYR A 77 4.96 31.48 -12.57
N ASP A 78 5.65 32.59 -12.86
CA ASP A 78 5.96 32.97 -14.22
C ASP A 78 7.34 32.39 -14.52
N ILE A 79 7.41 31.62 -15.60
CA ILE A 79 8.64 30.93 -15.98
C ILE A 79 9.09 31.32 -17.37
N THR A 80 8.44 32.33 -17.94
CA THR A 80 8.68 32.72 -19.34
C THR A 80 10.11 33.21 -19.58
N ASP A 81 10.70 33.88 -18.58
CA ASP A 81 12.08 34.34 -18.69
C ASP A 81 13.04 33.24 -18.29
N PHE A 82 13.62 32.56 -19.28
CA PHE A 82 14.53 31.45 -19.03
C PHE A 82 15.85 31.92 -18.40
N SER A 83 16.10 33.23 -18.43
CA SER A 83 17.33 33.79 -17.87
C SER A 83 17.26 33.88 -16.35
N LYS A 84 16.06 34.04 -15.83
CA LYS A 84 15.86 34.17 -14.39
C LYS A 84 15.02 33.01 -13.85
N ARG A 85 15.14 32.75 -12.55
CA ARG A 85 14.39 31.68 -11.91
C ARG A 85 12.89 31.94 -11.93
N PRO A 86 12.07 30.90 -11.69
CA PRO A 86 10.61 31.06 -11.65
C PRO A 86 10.15 32.20 -10.74
N LYS A 87 9.34 33.10 -11.29
CA LYS A 87 8.88 34.28 -10.56
C LYS A 87 7.52 34.03 -9.91
N LYS A 88 7.49 34.04 -8.58
CA LYS A 88 6.26 33.81 -7.83
C LYS A 88 5.26 34.94 -8.04
N LEU A 89 4.04 34.57 -8.44
CA LEU A 89 3.01 35.56 -8.77
C LEU A 89 1.93 35.62 -7.71
N LYS A 90 1.37 34.46 -7.37
CA LYS A 90 0.21 34.38 -6.49
C LYS A 90 0.16 33.03 -5.81
N TYR A 91 -0.43 32.97 -4.63
CA TYR A 91 -0.61 31.70 -3.95
C TYR A 91 -1.97 31.63 -3.27
N ALA A 92 -2.41 30.41 -2.98
CA ALA A 92 -3.63 30.17 -2.25
C ALA A 92 -3.38 29.02 -1.29
N LYS A 93 -3.68 29.22 -0.02
CA LYS A 93 -3.43 28.18 0.96
C LYS A 93 -4.76 27.71 1.55
N GLY A 94 -4.87 26.40 1.72
CA GLY A 94 -6.06 25.79 2.26
C GLY A 94 -5.81 25.51 3.73
N GLY A 95 -6.73 24.79 4.37
CA GLY A 95 -6.54 24.46 5.77
C GLY A 95 -7.77 23.96 6.50
N ALA A 96 -7.62 23.75 7.80
CA ALA A 96 -8.63 23.15 8.66
C ALA A 96 -10.00 23.83 8.56
N LYS A 97 -10.01 25.14 8.36
CA LYS A 97 -11.21 25.89 8.00
C LYS A 97 -12.11 25.17 6.98
N TYR A 98 -11.51 24.33 6.13
CA TYR A 98 -12.20 23.80 4.96
C TYR A 98 -12.77 22.40 5.14
N ILE A 99 -12.72 21.89 6.37
CA ILE A 99 -13.31 20.59 6.68
C ILE A 99 -14.82 20.66 6.50
N PRO A 100 -15.40 19.68 5.78
CA PRO A 100 -16.82 19.75 5.39
C PRO A 100 -17.77 19.64 6.57
N ASN A 108 -17.97 16.91 1.04
CA ASN A 108 -16.76 17.72 0.89
C ASN A 108 -16.79 18.61 -0.35
N THR A 109 -17.40 19.78 -0.22
CA THR A 109 -17.64 20.62 -1.39
C THR A 109 -17.24 22.07 -1.09
N THR A 110 -16.59 22.27 0.06
CA THR A 110 -15.98 23.54 0.40
C THR A 110 -14.95 23.96 -0.65
N GLU A 111 -14.75 25.26 -0.82
CA GLU A 111 -13.82 25.76 -1.81
C GLU A 111 -12.43 25.98 -1.21
N GLY A 112 -11.87 24.92 -0.65
CA GLY A 112 -10.52 24.92 -0.11
C GLY A 112 -10.05 23.52 0.23
N HIS A 113 -8.73 23.33 0.23
CA HIS A 113 -8.16 22.03 0.59
C HIS A 113 -7.89 21.93 2.09
N TYR A 114 -8.12 20.74 2.64
CA TYR A 114 -7.91 20.50 4.07
C TYR A 114 -7.06 19.26 4.33
N ASP A 115 -6.76 18.51 3.28
CA ASP A 115 -5.79 17.43 3.38
C ASP A 115 -4.84 17.44 2.17
N GLU A 116 -3.69 16.80 2.34
CA GLU A 116 -2.58 16.83 1.37
C GLU A 116 -2.99 16.94 -0.10
N ILE A 117 -2.52 17.97 -0.78
CA ILE A 117 -2.73 18.07 -2.21
C ILE A 117 -1.67 17.22 -2.90
N LEU A 118 -2.10 16.28 -3.73
CA LEU A 118 -1.21 15.29 -4.30
C LEU A 118 -0.87 15.53 -5.77
N THR A 119 -1.68 16.36 -6.43
CA THR A 119 -1.55 16.52 -7.88
C THR A 119 -2.15 17.83 -8.38
N VAL A 120 -1.58 18.33 -9.48
CA VAL A 120 -2.04 19.56 -10.09
C VAL A 120 -1.89 19.50 -11.61
N ALA A 121 -2.86 20.04 -12.34
CA ALA A 121 -2.80 20.09 -13.79
C ALA A 121 -3.34 21.41 -14.33
N ALA A 122 -2.56 22.08 -15.17
CA ALA A 122 -2.99 23.31 -15.80
C ALA A 122 -3.78 23.02 -17.08
N SER A 123 -4.92 23.67 -17.25
CA SER A 123 -5.75 23.47 -18.44
C SER A 123 -5.05 24.03 -19.67
N PRO A 124 -5.13 23.31 -20.80
CA PRO A 124 -4.45 23.68 -22.05
C PRO A 124 -4.89 25.02 -22.62
N ASP A 125 -6.03 25.54 -22.17
CA ASP A 125 -6.54 26.80 -22.68
C ASP A 125 -6.06 28.03 -21.91
N GLY A 126 -5.44 27.81 -20.75
CA GLY A 126 -4.83 28.90 -20.00
C GLY A 126 -5.75 29.45 -18.92
N LYS A 127 -6.99 28.98 -18.94
CA LYS A 127 -8.05 29.51 -18.09
C LYS A 127 -8.13 28.84 -16.71
N TYR A 128 -7.77 27.57 -16.62
CA TYR A 128 -7.98 26.84 -15.39
C TYR A 128 -6.75 26.08 -14.89
N VAL A 129 -6.67 25.93 -13.57
CA VAL A 129 -5.74 25.00 -12.96
C VAL A 129 -6.54 24.16 -11.96
N VAL A 130 -6.41 22.85 -12.03
CA VAL A 130 -7.18 21.98 -11.14
C VAL A 130 -6.29 21.16 -10.22
N THR A 131 -6.70 21.08 -8.95
CA THR A 131 -5.93 20.40 -7.93
C THR A 131 -6.75 19.27 -7.34
N GLY A 132 -6.07 18.34 -6.67
CA GLY A 132 -6.73 17.21 -6.04
C GLY A 132 -5.78 16.51 -5.09
N GLY A 133 -6.32 15.78 -4.14
CA GLY A 133 -5.49 15.09 -3.17
C GLY A 133 -6.28 14.19 -2.23
N ARG A 134 -5.80 14.09 -1.00
CA ARG A 134 -6.34 13.13 -0.03
C ARG A 134 -7.73 13.48 0.51
N ASP A 135 -8.18 14.71 0.27
CA ASP A 135 -9.52 15.10 0.70
C ASP A 135 -10.60 14.83 -0.35
N ARG A 136 -10.28 13.95 -1.29
CA ARG A 136 -11.27 13.39 -2.21
C ARG A 136 -12.08 14.45 -2.96
N LYS A 137 -11.41 15.53 -3.34
CA LYS A 137 -12.03 16.62 -4.06
C LYS A 137 -11.19 17.03 -5.26
N LEU A 138 -11.84 17.34 -6.36
CA LEU A 138 -11.20 18.10 -7.41
C LEU A 138 -11.57 19.55 -7.18
N ILE A 139 -10.59 20.45 -7.17
CA ILE A 139 -10.90 21.87 -7.11
C ILE A 139 -10.33 22.58 -8.32
N VAL A 140 -11.20 23.19 -9.12
CA VAL A 140 -10.76 23.95 -10.28
C VAL A 140 -10.81 25.45 -10.02
N TRP A 141 -9.64 26.05 -10.20
CA TRP A 141 -9.35 27.44 -9.91
C TRP A 141 -9.14 28.19 -11.21
N SER A 142 -9.50 29.46 -11.21
CA SER A 142 -9.15 30.35 -12.32
C SER A 142 -7.70 30.78 -12.20
N THR A 143 -7.01 30.80 -13.33
CA THR A 143 -5.60 31.16 -13.36
C THR A 143 -5.44 32.67 -13.14
N GLU A 144 -6.50 33.41 -13.42
CA GLU A 144 -6.53 34.85 -13.27
C GLU A 144 -6.31 35.29 -11.82
N SER A 145 -7.24 34.87 -10.96
CA SER A 145 -7.26 35.33 -9.58
C SER A 145 -6.79 34.29 -8.57
N LEU A 146 -6.43 33.11 -9.08
CA LEU A 146 -6.16 31.94 -8.23
C LEU A 146 -7.28 31.73 -7.23
N SER A 147 -8.50 31.68 -7.73
CA SER A 147 -9.68 31.49 -6.90
C SER A 147 -10.46 30.28 -7.38
N PRO A 148 -11.07 29.54 -6.44
CA PRO A 148 -11.82 28.33 -6.79
C PRO A 148 -13.08 28.69 -7.58
N VAL A 149 -13.23 28.16 -8.78
CA VAL A 149 -14.41 28.44 -9.57
C VAL A 149 -15.36 27.25 -9.55
N LYS A 150 -14.85 26.07 -9.21
CA LYS A 150 -15.73 24.91 -9.10
C LYS A 150 -15.11 23.80 -8.24
N VAL A 151 -15.91 23.18 -7.38
CA VAL A 151 -15.43 22.03 -6.63
C VAL A 151 -16.26 20.78 -6.91
N ILE A 152 -15.58 19.74 -7.37
CA ILE A 152 -16.21 18.50 -7.82
C ILE A 152 -15.71 17.31 -7.01
N PRO A 153 -16.55 16.82 -6.07
CA PRO A 153 -16.16 15.70 -5.20
C PRO A 153 -16.21 14.38 -5.96
N THR A 154 -15.41 13.42 -5.49
CA THR A 154 -15.37 12.09 -6.10
C THR A 154 -16.51 11.22 -5.57
N LYS A 155 -17.04 11.61 -4.42
CA LYS A 155 -18.21 11.00 -3.81
C LYS A 155 -17.93 9.60 -3.24
N ASP A 156 -16.65 9.26 -3.13
CA ASP A 156 -16.25 7.99 -2.53
C ASP A 156 -15.32 8.23 -1.34
N ARG A 157 -15.53 7.48 -0.27
CA ARG A 157 -14.76 7.66 0.96
C ARG A 157 -13.32 7.17 0.82
N ARG A 158 -13.00 6.60 -0.34
CA ARG A 158 -11.65 6.10 -0.60
C ARG A 158 -11.09 6.73 -1.87
N GLY A 159 -11.87 7.63 -2.47
CA GLY A 159 -11.50 8.22 -3.74
C GLY A 159 -10.55 9.40 -3.63
N GLU A 160 -9.36 9.17 -3.10
CA GLU A 160 -8.33 10.19 -3.11
C GLU A 160 -7.81 10.40 -4.53
N VAL A 161 -7.57 11.65 -4.90
CA VAL A 161 -7.03 11.97 -6.22
C VAL A 161 -5.52 11.83 -6.20
N LEU A 162 -4.99 11.00 -7.10
CA LEU A 162 -3.57 10.66 -7.07
C LEU A 162 -2.80 11.26 -8.24
N SER A 163 -3.50 11.56 -9.32
CA SER A 163 -2.86 12.08 -10.53
C SER A 163 -3.87 12.68 -11.51
N LEU A 164 -3.45 13.73 -12.20
CA LEU A 164 -4.30 14.41 -13.17
C LEU A 164 -3.57 14.52 -14.51
N ALA A 165 -4.34 14.53 -15.58
CA ALA A 165 -3.79 14.77 -16.91
C ALA A 165 -4.89 15.23 -17.85
N PHE A 166 -4.69 16.40 -18.43
CA PHE A 166 -5.62 16.91 -19.43
C PHE A 166 -5.30 16.24 -20.75
N ARG A 167 -6.34 15.97 -21.53
CA ARG A 167 -6.12 15.64 -22.93
C ARG A 167 -5.57 16.91 -23.56
N LYS A 168 -4.54 16.77 -24.38
CA LYS A 168 -3.88 17.94 -24.95
C LYS A 168 -4.80 18.66 -25.92
N ASN A 169 -4.73 19.99 -25.92
CA ASN A 169 -5.63 20.83 -26.71
C ASN A 169 -7.10 20.50 -26.49
N SER A 170 -7.49 20.35 -25.22
CA SER A 170 -8.85 20.00 -24.85
C SER A 170 -9.16 20.51 -23.45
N ASP A 171 -10.42 20.36 -23.04
CA ASP A 171 -10.80 20.65 -21.65
C ASP A 171 -11.18 19.36 -20.93
N GLN A 172 -10.90 18.23 -21.58
CA GLN A 172 -11.21 16.92 -21.02
C GLN A 172 -10.13 16.49 -20.03
N LEU A 173 -10.52 16.30 -18.77
CA LEU A 173 -9.59 15.97 -17.70
C LEU A 173 -9.72 14.52 -17.24
N TYR A 174 -8.59 13.89 -16.97
CA TYR A 174 -8.57 12.52 -16.43
C TYR A 174 -7.91 12.48 -15.05
N ALA A 175 -8.63 11.95 -14.07
CA ALA A 175 -8.13 11.86 -12.71
C ALA A 175 -8.02 10.41 -12.27
N SER A 176 -6.81 9.95 -11.99
CA SER A 176 -6.63 8.61 -11.48
C SER A 176 -6.74 8.63 -9.95
N CYS A 177 -7.50 7.70 -9.40
CA CYS A 177 -7.85 7.76 -7.99
C CYS A 177 -7.46 6.51 -7.21
N ALA A 178 -7.62 6.58 -5.89
CA ALA A 178 -7.12 5.53 -5.00
C ALA A 178 -8.11 4.39 -4.80
N ASP A 179 -9.35 4.59 -5.24
CA ASP A 179 -10.35 3.54 -5.16
C ASP A 179 -10.41 2.69 -6.43
N PHE A 180 -9.30 2.71 -7.16
CA PHE A 180 -9.05 1.84 -8.31
C PHE A 180 -9.80 2.31 -9.56
N LYS A 181 -10.36 3.51 -9.50
CA LYS A 181 -11.15 4.03 -10.62
C LYS A 181 -10.44 5.20 -11.28
N ILE A 182 -10.65 5.37 -12.58
CA ILE A 182 -10.24 6.61 -13.24
C ILE A 182 -11.47 7.43 -13.59
N ARG A 183 -11.55 8.67 -13.12
CA ARG A 183 -12.71 9.50 -13.42
C ARG A 183 -12.41 10.51 -14.52
N THR A 184 -13.35 10.68 -15.45
CA THR A 184 -13.17 11.67 -16.50
C THR A 184 -14.10 12.87 -16.30
N TYR A 185 -13.69 14.02 -16.80
CA TYR A 185 -14.44 15.25 -16.61
C TYR A 185 -14.39 16.14 -17.84
N SER A 186 -15.43 16.93 -18.01
CA SER A 186 -15.43 18.02 -18.99
C SER A 186 -15.33 19.30 -18.18
N ILE A 187 -14.20 19.99 -18.31
CA ILE A 187 -13.86 21.08 -17.39
C ILE A 187 -14.65 22.36 -17.61
N ASN A 188 -15.03 22.66 -18.85
CA ASN A 188 -15.87 23.83 -19.09
C ASN A 188 -17.37 23.51 -18.94
N GLN A 189 -17.66 22.27 -18.54
CA GLN A 189 -18.99 21.91 -18.07
C GLN A 189 -18.95 21.75 -16.56
N PHE A 190 -17.74 21.71 -16.02
CA PHE A 190 -17.52 21.51 -14.58
C PHE A 190 -18.25 20.26 -14.08
N SER A 191 -18.30 19.23 -14.92
CA SER A 191 -19.08 18.04 -14.61
C SER A 191 -18.25 16.78 -14.70
N GLN A 192 -18.79 15.69 -14.14
CA GLN A 192 -18.16 14.39 -14.28
C GLN A 192 -18.81 13.66 -15.44
N LEU A 193 -18.00 13.15 -16.35
CA LEU A 193 -18.49 12.48 -17.53
C LEU A 193 -18.72 11.00 -17.25
N GLU A 194 -17.67 10.31 -16.83
CA GLU A 194 -17.78 8.89 -16.52
C GLU A 194 -16.68 8.34 -15.61
N ILE A 195 -16.76 7.04 -15.37
CA ILE A 195 -15.81 6.32 -14.53
C ILE A 195 -15.30 5.09 -15.27
N LEU A 196 -13.98 4.86 -15.19
CA LEU A 196 -13.31 3.73 -15.82
C LEU A 196 -12.82 2.75 -14.77
N TYR A 197 -13.04 1.46 -15.02
CA TYR A 197 -12.69 0.40 -14.11
C TYR A 197 -11.73 -0.60 -14.75
N GLY A 198 -10.80 -1.14 -13.96
CA GLY A 198 -9.85 -2.11 -14.47
C GLY A 198 -8.71 -2.43 -13.52
N HIS A 199 -8.20 -1.41 -12.83
CA HIS A 199 -7.05 -1.61 -11.95
C HIS A 199 -7.43 -2.35 -10.66
N HIS A 200 -6.45 -3.03 -10.07
CA HIS A 200 -6.67 -3.80 -8.86
C HIS A 200 -5.84 -3.29 -7.69
N ASP A 201 -5.30 -2.09 -7.86
CA ASP A 201 -4.63 -1.36 -6.79
C ASP A 201 -4.81 0.11 -7.13
N ILE A 202 -4.24 0.99 -6.29
CA ILE A 202 -4.34 2.42 -6.54
C ILE A 202 -3.74 2.77 -7.89
N VAL A 203 -4.37 3.72 -8.57
CA VAL A 203 -3.87 4.17 -9.86
C VAL A 203 -2.96 5.36 -9.62
N GLU A 204 -1.67 5.08 -9.52
CA GLU A 204 -0.70 6.06 -9.06
C GLU A 204 -0.49 7.18 -10.06
N ASP A 205 -0.34 6.82 -11.33
CA ASP A 205 0.01 7.80 -12.34
C ASP A 205 -0.78 7.61 -13.63
N ILE A 206 -1.00 8.72 -14.32
CA ILE A 206 -1.80 8.74 -15.54
C ILE A 206 -1.21 9.76 -16.52
N SER A 207 -1.19 9.41 -17.79
CA SER A 207 -0.61 10.27 -18.82
C SER A 207 -1.51 10.30 -20.05
N ALA A 208 -1.59 11.46 -20.70
CA ALA A 208 -2.45 11.61 -21.87
C ALA A 208 -1.84 12.58 -22.88
N LEU A 209 -2.16 12.38 -24.15
CA LEU A 209 -1.75 13.31 -25.19
C LEU A 209 -2.95 13.99 -25.84
N ALA A 210 -2.99 13.99 -27.16
CA ALA A 210 -4.04 14.70 -27.89
C ALA A 210 -5.24 13.81 -28.19
N MET A 211 -5.00 12.51 -28.31
CA MET A 211 -6.10 11.58 -28.56
C MET A 211 -6.98 11.46 -27.33
N GLU A 212 -8.20 11.00 -27.52
CA GLU A 212 -9.12 10.80 -26.41
C GLU A 212 -8.82 9.45 -25.77
N ARG A 213 -7.61 9.32 -25.23
CA ARG A 213 -7.18 8.11 -24.57
C ARG A 213 -6.17 8.41 -23.47
N CYS A 214 -5.89 7.42 -22.61
CA CYS A 214 -4.90 7.65 -21.55
C CYS A 214 -4.18 6.38 -21.10
N VAL A 215 -2.97 6.55 -20.56
CA VAL A 215 -2.27 5.42 -19.94
C VAL A 215 -2.29 5.58 -18.43
N THR A 216 -2.54 4.49 -17.72
CA THR A 216 -2.50 4.51 -16.27
C THR A 216 -1.58 3.42 -15.74
N VAL A 217 -1.08 3.58 -14.51
CA VAL A 217 -0.31 2.51 -13.87
C VAL A 217 -0.90 2.18 -12.51
N GLY A 218 -0.89 0.90 -12.16
CA GLY A 218 -1.66 0.41 -11.04
C GLY A 218 -0.82 0.03 -9.84
N ALA A 219 0.43 0.47 -9.82
CA ALA A 219 1.31 0.21 -8.68
C ALA A 219 1.55 -1.28 -8.46
N ARG A 220 0.97 -1.81 -7.39
CA ARG A 220 1.17 -3.21 -7.03
C ARG A 220 0.45 -4.23 -7.92
N ASP A 221 -0.49 -3.79 -8.75
CA ASP A 221 -1.06 -4.72 -9.73
C ASP A 221 -0.06 -5.01 -10.84
N ARG A 222 1.00 -4.21 -10.86
CA ARG A 222 2.07 -4.30 -11.84
C ARG A 222 1.56 -4.37 -13.28
N THR A 223 0.54 -3.57 -13.56
CA THR A 223 0.05 -3.43 -14.92
C THR A 223 0.05 -1.96 -15.33
N ALA A 224 0.14 -1.74 -16.63
CA ALA A 224 -0.13 -0.44 -17.21
C ALA A 224 -1.34 -0.67 -18.07
N MET A 225 -2.23 0.31 -18.15
CA MET A 225 -3.44 0.12 -18.94
C MET A 225 -3.73 1.28 -19.88
N LEU A 226 -4.02 0.95 -21.13
CA LEU A 226 -4.28 1.94 -22.16
C LEU A 226 -5.78 2.01 -22.43
N TRP A 227 -6.36 3.15 -22.06
CA TRP A 227 -7.80 3.37 -22.15
C TRP A 227 -8.15 4.13 -23.42
N LYS A 228 -8.85 3.46 -24.32
CA LYS A 228 -9.42 4.08 -25.51
C LYS A 228 -10.86 4.48 -25.22
N ILE A 229 -11.02 5.68 -24.66
CA ILE A 229 -12.34 6.17 -24.23
C ILE A 229 -13.49 6.04 -25.26
N PRO A 230 -13.26 6.46 -26.52
CA PRO A 230 -14.40 6.41 -27.43
C PRO A 230 -14.73 4.99 -27.89
N ASP A 231 -13.74 4.11 -27.91
CA ASP A 231 -13.96 2.74 -28.36
C ASP A 231 -14.48 1.84 -27.25
N GLU A 232 -14.55 2.39 -26.04
CA GLU A 232 -14.96 1.65 -24.84
C GLU A 232 -14.17 0.35 -24.66
N THR A 233 -12.87 0.41 -24.97
CA THR A 233 -11.98 -0.74 -24.80
C THR A 233 -10.74 -0.35 -24.03
N ARG A 234 -9.93 -1.34 -23.68
CA ARG A 234 -8.70 -1.09 -22.92
C ARG A 234 -7.66 -2.19 -23.09
N LEU A 235 -6.41 -1.78 -23.28
CA LEU A 235 -5.28 -2.69 -23.36
C LEU A 235 -4.64 -2.85 -21.99
N THR A 236 -4.13 -4.05 -21.72
CA THR A 236 -3.47 -4.32 -20.44
C THR A 236 -2.06 -4.87 -20.66
N PHE A 237 -1.10 -4.24 -20.01
CA PHE A 237 0.31 -4.59 -20.15
C PHE A 237 0.82 -5.01 -18.77
N ARG A 238 1.57 -6.11 -18.71
CA ARG A 238 1.94 -6.67 -17.41
C ARG A 238 3.44 -6.72 -17.16
N GLY A 239 3.83 -6.28 -15.96
CA GLY A 239 5.19 -6.40 -15.49
C GLY A 239 5.26 -7.46 -14.41
N GLY A 240 6.08 -7.24 -13.39
CA GLY A 240 6.14 -8.14 -12.26
C GLY A 240 6.78 -9.47 -12.62
N ASP A 241 7.82 -9.42 -13.44
CA ASP A 241 8.51 -10.64 -13.88
C ASP A 241 9.43 -11.21 -12.80
N GLU A 242 9.17 -12.46 -12.44
CA GLU A 242 10.03 -13.22 -11.54
C GLU A 242 11.49 -13.20 -12.02
N PRO A 243 12.40 -12.73 -11.15
CA PRO A 243 13.84 -12.63 -11.41
C PRO A 243 14.48 -13.99 -11.67
N GLN A 244 14.02 -15.03 -10.99
CA GLN A 244 14.57 -16.37 -11.21
C GLN A 244 14.20 -16.84 -12.62
N LYS A 245 12.98 -16.51 -13.04
CA LYS A 245 12.50 -16.84 -14.37
C LYS A 245 13.24 -16.05 -15.45
N LEU A 246 13.45 -14.76 -15.18
CA LEU A 246 14.17 -13.88 -16.09
C LEU A 246 15.61 -14.36 -16.28
N LEU A 247 16.25 -14.70 -15.17
CA LEU A 247 17.60 -15.26 -15.20
C LEU A 247 17.59 -16.57 -15.97
N ARG A 248 16.55 -17.36 -15.78
CA ARG A 248 16.43 -18.65 -16.43
C ARG A 248 16.36 -18.50 -17.95
N ARG A 249 15.62 -17.50 -18.43
CA ARG A 249 15.54 -17.28 -19.86
C ARG A 249 16.70 -16.42 -20.38
N TRP A 250 17.51 -15.88 -19.47
CA TRP A 250 18.65 -15.08 -19.89
C TRP A 250 19.84 -15.99 -20.11
N MET A 251 19.82 -17.15 -19.46
CA MET A 251 20.87 -18.14 -19.63
C MET A 251 20.80 -18.82 -21.00
N LYS A 252 19.87 -18.38 -21.85
CA LYS A 252 19.76 -18.92 -23.20
C LYS A 252 20.89 -18.42 -24.08
N GLU A 253 21.52 -17.32 -23.69
CA GLU A 253 22.73 -16.82 -24.34
C GLU A 253 23.75 -17.95 -24.56
N PHE A 274 17.06 -9.51 -12.42
CA PHE A 274 17.86 -8.83 -11.38
C PHE A 274 17.02 -8.51 -10.14
N PHE A 275 16.50 -7.29 -10.09
CA PHE A 275 15.78 -6.81 -8.92
C PHE A 275 14.26 -7.03 -9.00
N CYS A 276 13.68 -7.46 -7.89
CA CYS A 276 12.25 -7.67 -7.78
C CYS A 276 11.46 -6.41 -8.06
N GLU A 277 10.43 -6.55 -8.90
CA GLU A 277 9.51 -5.45 -9.16
C GLU A 277 8.27 -5.70 -8.33
N GLY A 278 7.92 -4.74 -7.48
CA GLY A 278 6.76 -4.88 -6.62
C GLY A 278 5.70 -3.84 -6.96
N SER A 279 6.12 -2.81 -7.70
CA SER A 279 5.23 -1.71 -8.03
C SER A 279 5.67 -0.99 -9.30
N ILE A 280 4.72 -0.75 -10.20
CA ILE A 280 4.96 0.14 -11.33
C ILE A 280 4.33 1.49 -11.00
N ASP A 281 5.19 2.49 -10.80
CA ASP A 281 4.79 3.71 -10.10
C ASP A 281 4.53 4.89 -11.02
N VAL A 282 5.31 5.00 -12.09
CA VAL A 282 5.13 6.16 -12.97
C VAL A 282 4.95 5.79 -14.43
N VAL A 283 4.41 6.72 -15.20
CA VAL A 283 4.08 6.48 -16.60
C VAL A 283 4.08 7.79 -17.37
N SER A 284 4.48 7.72 -18.64
CA SER A 284 4.45 8.88 -19.52
C SER A 284 4.27 8.42 -20.96
N MET A 285 3.42 9.12 -21.70
CA MET A 285 3.18 8.74 -23.09
C MET A 285 4.07 9.54 -24.04
N VAL A 286 4.78 8.85 -24.93
CA VAL A 286 5.69 9.51 -25.86
C VAL A 286 5.01 9.85 -27.19
N ASP A 287 4.18 8.93 -27.69
CA ASP A 287 3.25 9.25 -28.77
C ASP A 287 1.95 8.47 -28.61
N ASP A 288 1.11 8.49 -29.64
CA ASP A 288 -0.18 7.81 -29.56
C ASP A 288 -0.04 6.28 -29.65
N PHE A 289 1.18 5.79 -29.83
CA PHE A 289 1.40 4.36 -30.01
C PHE A 289 2.47 3.78 -29.07
N HIS A 290 3.06 4.60 -28.23
CA HIS A 290 4.13 4.14 -27.34
C HIS A 290 4.08 4.83 -25.98
N PHE A 291 4.59 4.16 -24.95
CA PHE A 291 4.71 4.80 -23.65
C PHE A 291 5.85 4.23 -22.80
N ILE A 292 6.18 4.92 -21.72
CA ILE A 292 7.22 4.50 -20.80
C ILE A 292 6.70 4.38 -19.38
N THR A 293 7.22 3.41 -18.64
CA THR A 293 6.88 3.24 -17.24
C THR A 293 8.13 3.23 -16.36
N GLY A 294 7.94 3.51 -15.08
CA GLY A 294 9.02 3.47 -14.11
C GLY A 294 8.57 2.74 -12.86
N SER A 295 9.44 1.85 -12.37
CA SER A 295 9.14 0.95 -11.28
C SER A 295 10.01 1.19 -10.05
N ASP A 296 9.63 0.58 -8.93
CA ASP A 296 10.38 0.71 -7.69
C ASP A 296 11.56 -0.26 -7.60
N ASN A 297 11.99 -0.77 -8.76
CA ASN A 297 13.22 -1.54 -8.84
C ASN A 297 14.20 -0.86 -9.79
N GLY A 298 13.86 0.36 -10.21
CA GLY A 298 14.72 1.17 -11.03
C GLY A 298 14.52 0.95 -12.52
N ASN A 299 13.61 0.05 -12.88
CA ASN A 299 13.35 -0.23 -14.28
C ASN A 299 12.61 0.88 -15.01
N ILE A 300 13.16 1.30 -16.14
CA ILE A 300 12.45 2.17 -17.05
C ILE A 300 12.10 1.36 -18.29
N CYS A 301 10.82 1.13 -18.52
CA CYS A 301 10.40 0.27 -19.62
C CYS A 301 9.73 1.05 -20.74
N LEU A 302 10.12 0.74 -21.96
CA LEU A 302 9.47 1.24 -23.16
C LEU A 302 8.54 0.17 -23.70
N TRP A 303 7.29 0.58 -23.92
CA TRP A 303 6.21 -0.28 -24.38
C TRP A 303 5.61 0.25 -25.68
N SER A 304 5.25 -0.68 -26.55
CA SER A 304 4.43 -0.39 -27.72
C SER A 304 3.03 -0.99 -27.51
N LEU A 305 2.02 -0.30 -28.00
CA LEU A 305 0.63 -0.77 -27.88
C LEU A 305 0.41 -2.14 -28.52
N ALA A 306 1.28 -2.52 -29.45
CA ALA A 306 1.14 -3.78 -30.18
C ALA A 306 1.71 -4.98 -29.41
N LYS A 307 2.65 -4.72 -28.51
CA LYS A 307 3.32 -5.80 -27.79
C LYS A 307 2.83 -5.97 -26.35
N LYS A 308 2.82 -7.23 -25.91
CA LYS A 308 2.33 -7.60 -24.59
C LYS A 308 3.37 -7.30 -23.52
N LYS A 309 4.64 -7.52 -23.87
CA LYS A 309 5.76 -7.26 -22.98
C LYS A 309 6.43 -5.95 -23.34
N PRO A 310 7.31 -5.44 -22.46
CA PRO A 310 7.98 -4.19 -22.84
C PRO A 310 8.89 -4.42 -24.04
N ILE A 311 8.93 -3.47 -24.97
CA ILE A 311 9.81 -3.62 -26.12
C ILE A 311 11.24 -3.37 -25.69
N PHE A 312 11.42 -2.62 -24.60
CA PHE A 312 12.78 -2.40 -24.09
C PHE A 312 12.83 -2.08 -22.61
N THR A 313 13.87 -2.55 -21.92
CA THR A 313 14.00 -2.29 -20.49
C THR A 313 15.40 -1.83 -20.12
N GLU A 314 15.48 -0.69 -19.43
CA GLU A 314 16.72 -0.27 -18.80
C GLU A 314 16.59 -0.51 -17.31
N ARG A 315 17.31 -1.51 -16.82
CA ARG A 315 17.22 -1.91 -15.43
C ARG A 315 18.07 -1.02 -14.52
N ILE A 316 17.63 -0.86 -13.28
CA ILE A 316 18.24 0.06 -12.31
C ILE A 316 18.78 1.36 -12.93
N ALA A 317 17.89 2.06 -13.63
CA ALA A 317 18.25 3.25 -14.39
C ALA A 317 18.94 4.35 -13.57
N HIS A 318 18.70 4.36 -12.26
CA HIS A 318 19.28 5.38 -11.41
C HIS A 318 20.23 4.77 -10.40
N GLY A 319 20.68 3.55 -10.69
CA GLY A 319 21.67 2.88 -9.87
C GLY A 319 21.12 2.32 -8.58
N ILE A 320 22.02 2.01 -7.66
CA ILE A 320 21.66 1.46 -6.36
C ILE A 320 22.23 2.32 -5.23
N LEU A 321 21.63 2.17 -4.03
CA LEU A 321 22.06 2.71 -2.72
C LEU A 321 20.92 3.48 -2.04
N LEU A 347 21.28 -6.90 0.55
CA LEU A 347 22.35 -5.91 0.63
C LEU A 347 22.16 -4.79 -0.39
N LEU A 348 21.76 -5.15 -1.60
CA LEU A 348 21.60 -4.16 -2.67
C LEU A 348 20.15 -3.69 -2.79
N GLN A 349 19.97 -2.37 -2.80
CA GLN A 349 18.67 -1.77 -3.00
C GLN A 349 18.73 -0.81 -4.18
N PRO A 350 17.81 -0.95 -5.13
CA PRO A 350 17.77 -0.04 -6.28
C PRO A 350 17.01 1.26 -5.98
N PHE A 351 17.39 2.34 -6.65
CA PHE A 351 16.65 3.59 -6.59
C PHE A 351 15.33 3.47 -7.37
N TRP A 352 14.22 3.84 -6.74
CA TRP A 352 12.94 3.83 -7.43
C TRP A 352 12.95 4.89 -8.51
N ILE A 353 12.12 4.71 -9.52
CA ILE A 353 11.84 5.81 -10.45
C ILE A 353 10.65 6.56 -9.87
N THR A 354 10.86 7.82 -9.52
CA THR A 354 9.80 8.60 -8.86
C THR A 354 9.27 9.66 -9.80
N SER A 355 9.91 9.79 -10.96
CA SER A 355 9.48 10.77 -11.93
C SER A 355 9.85 10.39 -13.36
N LEU A 356 8.96 10.66 -14.29
CA LEU A 356 9.12 10.25 -15.67
C LEU A 356 8.30 11.12 -16.59
N TYR A 357 8.98 11.83 -17.50
CA TYR A 357 8.29 12.73 -18.42
C TYR A 357 8.86 12.63 -19.83
N ALA A 358 8.05 12.08 -20.74
CA ALA A 358 8.39 12.11 -22.15
C ALA A 358 7.80 13.38 -22.76
N ILE A 359 8.65 14.23 -23.32
CA ILE A 359 8.14 15.38 -24.05
C ILE A 359 7.45 14.86 -25.30
N PRO A 360 6.20 15.29 -25.52
CA PRO A 360 5.29 14.68 -26.49
C PRO A 360 5.81 14.62 -27.91
N TYR A 361 5.78 13.42 -28.49
CA TYR A 361 6.08 13.18 -29.89
C TYR A 361 7.55 13.40 -30.24
N SER A 362 8.41 13.40 -29.22
CA SER A 362 9.84 13.54 -29.41
C SER A 362 10.55 12.24 -29.10
N ASN A 363 11.87 12.24 -29.22
CA ASN A 363 12.67 11.06 -28.95
C ASN A 363 13.44 11.18 -27.65
N VAL A 364 13.11 12.20 -26.86
CA VAL A 364 13.75 12.40 -25.57
C VAL A 364 12.76 12.25 -24.41
N PHE A 365 13.21 11.61 -23.33
CA PHE A 365 12.44 11.66 -22.09
C PHE A 365 13.34 11.82 -20.88
N ILE A 366 12.80 12.37 -19.80
CA ILE A 366 13.58 12.62 -18.59
C ILE A 366 13.06 11.83 -17.40
N SER A 367 13.99 11.32 -16.60
CA SER A 367 13.66 10.47 -15.48
C SER A 367 14.27 11.04 -14.21
N GLY A 368 13.62 10.78 -13.08
CA GLY A 368 14.08 11.29 -11.81
C GLY A 368 13.83 10.34 -10.67
N SER A 369 14.70 10.41 -9.67
CA SER A 369 14.61 9.58 -8.48
C SER A 369 14.91 10.44 -7.26
N TRP A 370 15.71 9.92 -6.35
CA TRP A 370 16.30 10.75 -5.30
C TRP A 370 17.82 10.60 -5.25
N SER A 371 18.40 10.21 -6.38
CA SER A 371 19.81 9.84 -6.44
C SER A 371 20.72 11.02 -6.76
N GLY A 372 20.13 12.19 -6.97
CA GLY A 372 20.89 13.42 -7.09
C GLY A 372 20.99 14.01 -8.47
N SER A 373 20.31 13.38 -9.44
CA SER A 373 20.38 13.86 -10.82
C SER A 373 19.17 13.47 -11.67
N LEU A 374 18.93 14.28 -12.70
CA LEU A 374 17.84 14.05 -13.63
C LEU A 374 18.42 13.43 -14.90
N LYS A 375 18.05 12.19 -15.19
CA LYS A 375 18.62 11.51 -16.36
C LYS A 375 17.83 11.80 -17.63
N VAL A 376 18.52 12.30 -18.64
CA VAL A 376 17.88 12.54 -19.94
C VAL A 376 18.28 11.48 -20.95
N TRP A 377 17.25 10.89 -21.56
CA TRP A 377 17.40 9.71 -22.42
C TRP A 377 16.87 10.00 -23.81
N LYS A 378 17.40 9.27 -24.79
CA LYS A 378 16.98 9.41 -26.19
C LYS A 378 16.46 8.10 -26.74
N ILE A 379 15.29 8.13 -27.35
CA ILE A 379 14.71 6.95 -27.96
C ILE A 379 15.24 6.77 -29.38
N SER A 380 15.49 5.52 -29.76
CA SER A 380 15.91 5.19 -31.12
C SER A 380 14.89 5.67 -32.14
N ASP A 381 15.35 5.91 -33.36
CA ASP A 381 14.47 6.32 -34.45
C ASP A 381 13.56 5.17 -34.87
N ASN A 382 13.98 3.95 -34.52
CA ASN A 382 13.19 2.76 -34.79
C ASN A 382 12.30 2.37 -33.60
N LEU A 383 12.32 3.22 -32.58
CA LEU A 383 11.48 3.05 -31.38
C LEU A 383 11.62 1.70 -30.70
N ARG A 384 12.78 1.06 -30.82
CA ARG A 384 12.99 -0.24 -30.21
C ARG A 384 13.94 -0.20 -29.02
N SER A 385 14.36 1.01 -28.65
CA SER A 385 15.30 1.19 -27.55
C SER A 385 15.42 2.65 -27.17
N PHE A 386 16.03 2.90 -26.01
CA PHE A 386 16.41 4.25 -25.62
C PHE A 386 17.80 4.24 -25.01
N GLU A 387 18.44 5.40 -24.97
CA GLU A 387 19.83 5.45 -24.53
C GLU A 387 20.08 6.72 -23.72
N LEU A 388 21.07 6.65 -22.83
CA LEU A 388 21.38 7.77 -21.95
C LEU A 388 22.03 8.93 -22.70
N LEU A 389 21.32 10.06 -22.79
CA LEU A 389 21.88 11.27 -23.38
C LEU A 389 22.78 11.97 -22.39
N GLY A 390 22.30 12.14 -21.16
CA GLY A 390 23.09 12.83 -20.16
C GLY A 390 22.46 12.94 -18.79
N GLU A 391 23.14 13.65 -17.90
CA GLU A 391 22.63 13.87 -16.55
C GLU A 391 22.60 15.34 -16.15
N LEU A 392 21.58 15.72 -15.39
CA LEU A 392 21.49 17.05 -14.81
C LEU A 392 21.72 16.89 -13.31
N SER A 393 22.93 17.21 -12.86
CA SER A 393 23.39 16.77 -11.54
C SER A 393 23.13 17.75 -10.40
N GLY A 394 22.45 18.84 -10.69
CA GLY A 394 22.08 19.80 -9.65
C GLY A 394 20.77 19.46 -8.98
N ALA A 395 20.22 18.29 -9.28
CA ALA A 395 18.87 17.93 -8.86
C ALA A 395 18.85 16.99 -7.67
N LYS A 396 19.39 17.46 -6.54
CA LYS A 396 19.39 16.69 -5.30
C LYS A 396 18.00 16.74 -4.66
N GLY A 397 17.65 15.69 -3.93
CA GLY A 397 16.35 15.61 -3.29
C GLY A 397 15.45 14.59 -3.95
N VAL A 398 14.21 14.48 -3.47
CA VAL A 398 13.25 13.57 -4.09
C VAL A 398 12.47 14.30 -5.17
N VAL A 399 12.73 13.93 -6.42
CA VAL A 399 11.98 14.50 -7.54
C VAL A 399 10.58 13.91 -7.52
N THR A 400 9.58 14.78 -7.44
CA THR A 400 8.19 14.34 -7.31
C THR A 400 7.41 14.52 -8.61
N LYS A 401 7.90 15.40 -9.47
CA LYS A 401 7.24 15.67 -10.75
C LYS A 401 8.18 16.45 -11.67
N ILE A 402 8.12 16.13 -12.97
CA ILE A 402 8.94 16.81 -13.96
C ILE A 402 8.06 17.35 -15.10
N GLN A 403 8.37 18.56 -15.56
CA GLN A 403 7.69 19.18 -16.68
C GLN A 403 8.74 19.82 -17.59
N VAL A 404 8.42 19.95 -18.88
CA VAL A 404 9.33 20.58 -19.81
C VAL A 404 8.61 21.60 -20.67
N VAL A 405 9.17 22.80 -20.73
CA VAL A 405 8.56 23.92 -21.46
C VAL A 405 9.56 24.37 -22.51
N GLU A 406 9.10 25.00 -23.60
CA GLU A 406 10.05 25.44 -24.63
C GLU A 406 9.79 26.83 -25.19
N SER A 407 10.84 27.43 -25.75
CA SER A 407 10.76 28.75 -26.37
C SER A 407 11.70 28.79 -27.57
N LYS A 414 14.92 26.36 -27.27
CA LYS A 414 15.36 26.34 -25.89
C LYS A 414 14.42 25.53 -25.01
N PHE A 415 14.96 24.53 -24.31
CA PHE A 415 14.16 23.73 -23.39
C PHE A 415 14.41 24.11 -21.93
N ARG A 416 13.33 24.23 -21.17
CA ARG A 416 13.41 24.44 -19.73
C ARG A 416 12.73 23.31 -18.98
N ILE A 417 13.56 22.54 -18.29
CA ILE A 417 13.11 21.47 -17.42
C ILE A 417 12.82 22.02 -16.03
N LEU A 418 11.60 21.80 -15.56
CA LEU A 418 11.23 22.16 -14.21
C LEU A 418 10.91 20.89 -13.45
N ALA A 419 11.33 20.83 -12.19
CA ALA A 419 11.08 19.63 -11.40
C ALA A 419 10.81 20.00 -9.95
N SER A 420 9.73 19.45 -9.40
CA SER A 420 9.42 19.69 -7.99
C SER A 420 10.26 18.77 -7.11
N ILE A 421 10.97 19.37 -6.15
CA ILE A 421 11.84 18.64 -5.26
C ILE A 421 11.35 18.76 -3.82
N ALA A 422 11.21 17.60 -3.18
CA ALA A 422 10.72 17.52 -1.81
C ALA A 422 11.68 16.71 -0.94
N LYS A 423 11.39 16.67 0.35
CA LYS A 423 12.16 15.85 1.29
C LYS A 423 11.48 14.49 1.41
N GLU A 424 10.24 14.42 0.95
CA GLU A 424 9.45 13.20 1.02
C GLU A 424 8.89 12.77 -0.32
N HIS A 425 8.57 11.47 -0.40
CA HIS A 425 7.86 10.91 -1.53
C HIS A 425 6.44 11.46 -1.53
N ARG A 426 5.90 11.73 -2.72
CA ARG A 426 4.55 12.29 -2.87
C ARG A 426 3.50 11.62 -1.98
N LEU A 427 3.54 10.29 -1.94
CA LEU A 427 2.44 9.51 -1.39
C LEU A 427 2.71 9.01 0.03
N GLY A 428 3.92 9.23 0.51
CA GLY A 428 4.25 8.85 1.87
C GLY A 428 5.03 7.56 1.97
N ARG A 429 5.41 6.99 0.83
CA ARG A 429 6.32 5.86 0.83
C ARG A 429 7.56 6.32 1.59
N TRP A 430 8.14 5.44 2.39
CA TRP A 430 9.22 5.86 3.27
C TRP A 430 10.57 5.81 2.58
N ILE A 431 11.31 6.90 2.66
CA ILE A 431 12.64 6.95 2.07
C ILE A 431 13.74 7.18 3.08
N ALA A 432 14.59 6.18 3.26
CA ALA A 432 15.77 6.32 4.11
C ALA A 432 16.75 7.27 3.45
N ASN A 433 17.55 7.95 4.26
CA ASN A 433 18.55 8.93 3.82
C ASN A 433 18.47 9.45 2.39
N VAL A 434 17.74 10.53 2.19
CA VAL A 434 17.80 11.29 0.94
C VAL A 434 18.92 12.31 1.08
N SER A 435 19.91 12.23 0.20
CA SER A 435 21.05 13.13 0.27
C SER A 435 20.68 14.47 -0.35
N GLY A 436 20.94 15.54 0.38
CA GLY A 436 20.63 16.88 -0.10
C GLY A 436 19.13 17.11 -0.13
N ALA A 437 18.43 16.55 0.85
CA ALA A 437 16.99 16.73 0.96
C ALA A 437 16.67 18.22 1.10
N ARG A 438 15.65 18.67 0.37
CA ARG A 438 15.33 20.08 0.29
C ARG A 438 13.95 20.30 -0.31
N ASN A 439 13.48 21.54 -0.25
CA ASN A 439 12.15 21.87 -0.74
C ASN A 439 12.18 23.01 -1.75
N GLY A 440 11.79 22.72 -2.99
CA GLY A 440 11.72 23.78 -3.98
C GLY A 440 11.65 23.32 -5.42
N ILE A 441 12.04 24.22 -6.33
CA ILE A 441 11.89 23.96 -7.76
C ILE A 441 13.24 23.96 -8.48
N TYR A 442 13.59 22.83 -9.06
CA TYR A 442 14.78 22.71 -9.90
C TYR A 442 14.50 23.15 -11.33
N SER A 443 15.42 23.93 -11.89
CA SER A 443 15.31 24.39 -13.28
C SER A 443 16.58 24.09 -14.05
N ALA A 444 16.40 23.67 -15.30
CA ALA A 444 17.52 23.41 -16.20
C ALA A 444 17.21 23.95 -17.57
N VAL A 445 18.07 24.80 -18.11
CA VAL A 445 17.87 25.33 -19.46
C VAL A 445 18.88 24.71 -20.42
N ILE A 446 18.36 24.07 -21.47
CA ILE A 446 19.20 23.33 -22.41
C ILE A 446 19.02 23.87 -23.83
N ASP A 447 20.14 24.12 -24.51
CA ASP A 447 20.13 24.68 -25.85
C ASP A 447 20.20 23.67 -26.99
N GLN A 448 19.86 24.15 -28.19
CA GLN A 448 19.91 23.35 -29.41
C GLN A 448 18.92 22.20 -29.40
N GLN B 7 9.53 -19.65 33.24
CA GLN B 7 10.61 -19.35 32.32
C GLN B 7 10.05 -18.90 30.96
N GLY B 8 8.76 -19.13 30.77
CA GLY B 8 8.06 -18.70 29.57
C GLY B 8 8.60 -19.25 28.26
N ARG B 9 8.65 -20.57 28.15
CA ARG B 9 9.08 -21.23 26.92
C ARG B 9 8.07 -22.28 26.48
N VAL B 10 8.37 -22.92 25.35
CA VAL B 10 7.51 -23.98 24.82
C VAL B 10 7.57 -25.21 25.73
N PHE B 11 6.42 -25.62 26.24
CA PHE B 11 6.35 -26.79 27.11
C PHE B 11 5.19 -27.70 26.73
N ARG B 12 4.34 -27.22 25.82
CA ARG B 12 3.20 -28.01 25.37
C ARG B 12 3.53 -28.77 24.08
N TYR B 13 3.76 -30.07 24.21
CA TYR B 13 4.07 -30.90 23.06
C TYR B 13 2.95 -31.89 22.75
N PHE B 14 1.92 -31.40 22.07
CA PHE B 14 0.80 -32.27 21.67
C PHE B 14 0.64 -32.35 20.15
N GLY B 15 1.59 -31.79 19.42
CA GLY B 15 1.54 -31.75 17.98
C GLY B 15 1.37 -33.10 17.31
N ASP B 16 2.20 -34.06 17.68
CA ASP B 16 2.13 -35.41 17.12
C ASP B 16 0.89 -36.15 17.59
N LYS B 17 0.35 -35.75 18.74
CA LYS B 17 -0.80 -36.41 19.32
C LYS B 17 -2.09 -36.13 18.54
N LEU B 18 -2.08 -35.04 17.78
CA LEU B 18 -3.31 -34.52 17.16
C LEU B 18 -3.90 -35.43 16.09
N LEU B 19 -5.17 -35.75 16.25
CA LEU B 19 -5.91 -36.56 15.28
C LEU B 19 -6.58 -35.65 14.24
N ILE B 20 -5.77 -35.12 13.34
CA ILE B 20 -6.22 -34.12 12.39
C ILE B 20 -7.07 -34.74 11.28
N SER B 21 -6.61 -35.88 10.75
CA SER B 21 -7.32 -36.61 9.72
C SER B 21 -8.78 -36.94 10.08
N GLU B 22 -9.07 -37.03 11.38
CA GLU B 22 -10.43 -37.33 11.83
C GLU B 22 -11.09 -36.14 12.52
N ALA B 23 -10.63 -34.93 12.20
CA ALA B 23 -11.22 -33.72 12.75
C ALA B 23 -12.69 -33.59 12.33
N LYS B 24 -13.54 -33.18 13.27
CA LYS B 24 -14.94 -32.93 12.94
C LYS B 24 -15.11 -31.49 12.49
N GLN B 25 -15.54 -31.31 11.25
CA GLN B 25 -15.55 -29.98 10.63
C GLN B 25 -16.94 -29.45 10.38
N SER B 26 -17.11 -28.15 10.62
CA SER B 26 -18.37 -27.49 10.32
C SER B 26 -18.14 -26.07 9.81
N PHE B 27 -19.17 -25.51 9.18
CA PHE B 27 -19.14 -24.13 8.74
C PHE B 27 -20.43 -23.47 9.15
N THR B 28 -20.35 -22.23 9.61
CA THR B 28 -21.55 -21.50 10.01
C THR B 28 -21.68 -20.22 9.23
N ARG B 29 -22.70 -20.14 8.38
CA ARG B 29 -22.94 -18.96 7.58
C ARG B 29 -23.34 -17.78 8.46
N VAL B 30 -22.93 -16.59 8.05
CA VAL B 30 -23.38 -15.36 8.69
C VAL B 30 -24.03 -14.46 7.64
N GLY B 31 -24.95 -13.61 8.07
CA GLY B 31 -25.67 -12.72 7.16
C GLY B 31 -24.91 -11.46 6.87
N GLU B 32 -23.65 -11.41 7.31
CA GLU B 32 -22.80 -10.24 7.08
C GLU B 32 -21.91 -10.43 5.87
N ASN B 33 -21.35 -9.34 5.37
CA ASN B 33 -20.37 -9.43 4.30
C ASN B 33 -18.95 -9.20 4.82
N ASN B 34 -18.10 -10.20 4.62
CA ASN B 34 -16.66 -10.08 4.86
C ASN B 34 -16.23 -9.96 6.33
N LEU B 35 -16.31 -11.06 7.05
CA LEU B 35 -15.66 -11.17 8.35
C LEU B 35 -14.18 -10.82 8.16
N THR B 36 -13.66 -9.97 9.04
CA THR B 36 -12.28 -9.52 8.92
C THR B 36 -11.44 -10.07 10.07
N CYS B 37 -12.09 -10.40 11.17
CA CYS B 37 -11.39 -10.86 12.36
C CYS B 37 -12.30 -11.62 13.31
N ILE B 38 -11.70 -12.56 14.03
CA ILE B 38 -12.39 -13.27 15.10
C ILE B 38 -11.51 -13.31 16.34
N SER B 39 -12.11 -13.09 17.50
CA SER B 39 -11.39 -13.17 18.76
C SER B 39 -12.12 -14.10 19.71
N CYS B 40 -11.41 -15.09 20.24
CA CYS B 40 -12.01 -16.02 21.15
C CYS B 40 -11.59 -15.77 22.59
N PHE B 41 -12.55 -15.90 23.50
CA PHE B 41 -12.27 -15.79 24.92
C PHE B 41 -12.27 -17.16 25.58
N GLN B 42 -11.26 -17.41 26.38
CA GLN B 42 -11.18 -18.66 27.14
C GLN B 42 -10.82 -18.35 28.58
N PRO B 43 -11.73 -18.69 29.51
CA PRO B 43 -11.50 -18.64 30.95
C PRO B 43 -10.20 -19.35 31.36
N ARG B 62 -17.34 -21.50 30.15
CA ARG B 62 -18.09 -20.79 29.12
C ARG B 62 -17.16 -20.04 28.17
N LEU B 63 -17.14 -20.46 26.91
CA LEU B 63 -16.23 -19.89 25.92
C LEU B 63 -16.98 -19.00 24.93
N PHE B 64 -16.35 -17.89 24.54
CA PHE B 64 -16.98 -16.95 23.64
C PHE B 64 -16.11 -16.64 22.42
N ALA B 65 -16.77 -16.25 21.33
CA ALA B 65 -16.07 -15.77 20.14
C ALA B 65 -16.70 -14.46 19.72
N TYR B 66 -15.88 -13.55 19.18
CA TYR B 66 -16.41 -12.30 18.66
C TYR B 66 -15.93 -12.07 17.24
N THR B 67 -16.85 -11.72 16.35
CA THR B 67 -16.50 -11.50 14.95
C THR B 67 -16.84 -10.08 14.52
N VAL B 68 -16.00 -9.51 13.66
CA VAL B 68 -16.26 -8.19 13.13
C VAL B 68 -16.24 -8.24 11.61
N SER B 69 -16.94 -7.31 10.98
CA SER B 69 -17.11 -7.33 9.54
C SER B 69 -17.00 -5.95 8.93
N LYS B 70 -16.72 -5.90 7.63
CA LYS B 70 -16.74 -4.66 6.88
C LYS B 70 -18.14 -4.05 6.89
N ASP B 71 -19.15 -4.90 7.07
CA ASP B 71 -20.55 -4.47 7.20
C ASP B 71 -20.85 -3.75 8.51
N LEU B 72 -19.81 -3.52 9.31
CA LEU B 72 -19.90 -2.74 10.56
C LEU B 72 -20.57 -3.53 11.68
N GLN B 73 -20.62 -4.85 11.55
CA GLN B 73 -21.26 -5.68 12.56
C GLN B 73 -20.27 -6.37 13.49
N LEU B 74 -20.55 -6.29 14.78
CA LEU B 74 -19.83 -7.04 15.80
C LEU B 74 -20.79 -8.09 16.32
N THR B 75 -20.33 -9.33 16.41
CA THR B 75 -21.22 -10.43 16.78
C THR B 75 -20.59 -11.36 17.81
N LYS B 76 -21.39 -11.80 18.77
CA LYS B 76 -20.92 -12.66 19.86
C LYS B 76 -21.51 -14.06 19.74
N TYR B 77 -20.63 -15.06 19.86
CA TYR B 77 -21.05 -16.44 19.79
C TYR B 77 -20.64 -17.20 21.04
N ASP B 78 -21.48 -18.16 21.42
CA ASP B 78 -21.14 -19.13 22.44
C ASP B 78 -20.55 -20.33 21.71
N ILE B 79 -19.33 -20.72 22.09
CA ILE B 79 -18.62 -21.79 21.41
C ILE B 79 -18.20 -22.93 22.34
N THR B 80 -18.68 -22.90 23.58
CA THR B 80 -18.27 -23.85 24.61
C THR B 80 -18.62 -25.29 24.27
N ASP B 81 -19.75 -25.49 23.58
CA ASP B 81 -20.17 -26.82 23.18
C ASP B 81 -19.47 -27.21 21.87
N PHE B 82 -18.41 -28.01 21.99
CA PHE B 82 -17.64 -28.43 20.82
C PHE B 82 -18.45 -29.37 19.92
N SER B 83 -19.54 -29.89 20.47
CA SER B 83 -20.39 -30.81 19.74
C SER B 83 -21.30 -30.07 18.75
N LYS B 84 -21.62 -28.81 19.09
CA LYS B 84 -22.52 -28.01 18.26
C LYS B 84 -21.81 -26.79 17.68
N ARG B 85 -22.36 -26.26 16.59
CA ARG B 85 -21.80 -25.08 15.93
C ARG B 85 -21.90 -23.83 16.82
N PRO B 86 -21.13 -22.77 16.49
CA PRO B 86 -21.18 -21.51 17.23
C PRO B 86 -22.59 -20.96 17.41
N LYS B 87 -22.97 -20.67 18.65
CA LYS B 87 -24.31 -20.20 18.97
C LYS B 87 -24.38 -18.68 19.03
N LYS B 88 -25.12 -18.08 18.10
CA LYS B 88 -25.26 -16.63 18.04
C LYS B 88 -26.04 -16.08 19.23
N LEU B 89 -25.45 -15.13 19.94
CA LEU B 89 -26.07 -14.58 21.15
C LEU B 89 -26.57 -13.16 20.96
N LYS B 90 -25.70 -12.29 20.46
CA LYS B 90 -25.97 -10.86 20.39
C LYS B 90 -25.13 -10.21 19.30
N TYR B 91 -25.63 -9.12 18.74
CA TYR B 91 -24.86 -8.36 17.76
C TYR B 91 -25.05 -6.86 17.94
N ALA B 92 -24.13 -6.09 17.39
CA ALA B 92 -24.23 -4.64 17.40
C ALA B 92 -23.78 -4.16 16.03
N LYS B 93 -24.62 -3.36 15.37
CA LYS B 93 -24.28 -2.87 14.04
C LYS B 93 -24.13 -1.36 14.01
N GLY B 94 -23.13 -0.89 13.27
CA GLY B 94 -22.88 0.53 13.13
C GLY B 94 -23.43 1.04 11.81
N GLY B 95 -23.10 2.28 11.47
CA GLY B 95 -23.56 2.85 10.21
C GLY B 95 -23.39 4.36 10.13
N ALA B 96 -23.89 4.94 9.05
CA ALA B 96 -23.73 6.36 8.76
C ALA B 96 -24.12 7.26 9.93
N LYS B 97 -25.15 6.81 10.65
CA LYS B 97 -25.51 7.34 11.97
C LYS B 97 -24.35 7.91 12.76
N TYR B 98 -23.21 7.22 12.71
CA TYR B 98 -22.13 7.46 13.66
C TYR B 98 -21.00 8.36 13.14
N ILE B 99 -21.17 8.94 11.96
CA ILE B 99 -20.15 9.85 11.44
C ILE B 99 -20.10 11.10 12.31
N PRO B 100 -18.89 11.46 12.79
CA PRO B 100 -18.72 12.57 13.72
C PRO B 100 -18.90 13.94 13.06
N ASN B 108 -14.15 12.75 17.37
CA ASN B 108 -14.37 11.43 16.82
C ASN B 108 -14.63 10.40 17.92
N THR B 109 -15.81 10.50 18.54
CA THR B 109 -16.10 9.73 19.74
C THR B 109 -17.53 9.18 19.79
N THR B 110 -18.24 9.21 18.67
CA THR B 110 -19.55 8.57 18.63
C THR B 110 -19.42 7.09 19.02
N GLU B 111 -20.48 6.54 19.61
CA GLU B 111 -20.42 5.18 20.11
C GLU B 111 -20.89 4.17 19.06
N GLY B 112 -20.23 4.21 17.90
CA GLY B 112 -20.49 3.27 16.84
C GLY B 112 -19.46 3.36 15.74
N HIS B 113 -19.30 2.27 15.00
CA HIS B 113 -18.38 2.25 13.87
C HIS B 113 -19.12 2.71 12.61
N TYR B 114 -18.44 3.48 11.77
CA TYR B 114 -19.06 4.00 10.55
C TYR B 114 -18.24 3.69 9.30
N ASP B 115 -17.06 3.12 9.50
CA ASP B 115 -16.29 2.56 8.40
C ASP B 115 -15.70 1.22 8.84
N GLU B 116 -15.30 0.41 7.86
CA GLU B 116 -14.88 -0.99 8.05
C GLU B 116 -14.16 -1.33 9.37
N ILE B 117 -14.72 -2.27 10.12
CA ILE B 117 -14.04 -2.79 11.31
C ILE B 117 -13.03 -3.85 10.87
N LEU B 118 -11.78 -3.66 11.27
CA LEU B 118 -10.69 -4.49 10.78
C LEU B 118 -10.18 -5.52 11.78
N THR B 119 -10.51 -5.32 13.06
CA THR B 119 -9.93 -6.13 14.12
C THR B 119 -10.76 -6.12 15.39
N VAL B 120 -10.69 -7.22 16.14
CA VAL B 120 -11.40 -7.35 17.40
C VAL B 120 -10.59 -8.18 18.39
N ALA B 121 -10.61 -7.80 19.67
CA ALA B 121 -9.93 -8.56 20.70
C ALA B 121 -10.72 -8.63 22.00
N ALA B 122 -10.94 -9.85 22.50
CA ALA B 122 -11.62 -10.03 23.77
C ALA B 122 -10.63 -9.94 24.93
N SER B 123 -10.98 -9.18 25.96
CA SER B 123 -10.11 -9.02 27.13
C SER B 123 -10.04 -10.32 27.91
N PRO B 124 -8.83 -10.66 28.40
CA PRO B 124 -8.57 -11.91 29.14
C PRO B 124 -9.38 -12.05 30.42
N ASP B 125 -9.92 -10.95 30.94
CA ASP B 125 -10.68 -11.00 32.18
C ASP B 125 -12.17 -11.25 31.92
N GLY B 126 -12.58 -11.17 30.66
CA GLY B 126 -13.93 -11.56 30.28
C GLY B 126 -14.95 -10.45 30.24
N LYS B 127 -14.57 -9.27 30.71
CA LYS B 127 -15.53 -8.19 30.87
C LYS B 127 -15.64 -7.34 29.59
N TYR B 128 -14.58 -7.29 28.79
CA TYR B 128 -14.57 -6.38 27.65
C TYR B 128 -14.18 -7.01 26.32
N VAL B 129 -14.74 -6.46 25.25
CA VAL B 129 -14.30 -6.74 23.89
C VAL B 129 -14.06 -5.41 23.18
N VAL B 130 -12.90 -5.27 22.53
CA VAL B 130 -12.59 -4.01 21.87
C VAL B 130 -12.41 -4.14 20.35
N THR B 131 -12.97 -3.19 19.62
CA THR B 131 -12.96 -3.20 18.17
C THR B 131 -12.28 -1.96 17.63
N GLY B 132 -11.85 -2.02 16.37
CA GLY B 132 -11.18 -0.91 15.73
C GLY B 132 -11.12 -1.12 14.23
N GLY B 133 -10.94 -0.04 13.48
CA GLY B 133 -10.87 -0.14 12.04
C GLY B 133 -10.54 1.16 11.33
N ARG B 134 -11.11 1.32 10.14
CA ARG B 134 -10.77 2.44 9.26
C ARG B 134 -11.28 3.80 9.75
N ASP B 135 -12.20 3.78 10.73
CA ASP B 135 -12.69 5.03 11.31
C ASP B 135 -11.86 5.52 12.50
N ARG B 136 -10.64 5.00 12.60
CA ARG B 136 -9.61 5.54 13.50
C ARG B 136 -10.08 5.68 14.96
N LYS B 137 -10.86 4.71 15.42
CA LYS B 137 -11.38 4.69 16.77
C LYS B 137 -11.19 3.31 17.39
N LEU B 138 -10.85 3.28 18.68
CA LEU B 138 -11.01 2.08 19.46
C LEU B 138 -12.36 2.17 20.17
N ILE B 139 -13.15 1.11 20.10
CA ILE B 139 -14.37 1.07 20.87
C ILE B 139 -14.35 -0.14 21.80
N VAL B 140 -14.43 0.10 23.10
CA VAL B 140 -14.48 -0.97 24.08
C VAL B 140 -15.91 -1.15 24.60
N TRP B 141 -16.39 -2.37 24.41
CA TRP B 141 -17.75 -2.80 24.70
C TRP B 141 -17.77 -3.75 25.88
N SER B 142 -18.86 -3.72 26.64
CA SER B 142 -19.11 -4.71 27.67
C SER B 142 -19.57 -6.01 27.03
N THR B 143 -19.05 -7.13 27.51
CA THR B 143 -19.38 -8.43 26.94
C THR B 143 -20.80 -8.90 27.27
N GLU B 144 -21.35 -8.42 28.38
CA GLU B 144 -22.71 -8.79 28.77
C GLU B 144 -23.78 -8.27 27.80
N SER B 145 -23.83 -6.95 27.62
CA SER B 145 -24.90 -6.33 26.88
C SER B 145 -24.48 -5.92 25.47
N LEU B 146 -23.21 -6.20 25.15
CA LEU B 146 -22.61 -5.75 23.89
C LEU B 146 -22.90 -4.27 23.64
N SER B 147 -22.54 -3.43 24.61
CA SER B 147 -22.78 -2.00 24.51
C SER B 147 -21.49 -1.22 24.69
N PRO B 148 -21.37 -0.09 23.98
CA PRO B 148 -20.14 0.71 24.05
C PRO B 148 -19.97 1.33 25.44
N VAL B 149 -18.87 0.99 26.11
CA VAL B 149 -18.61 1.56 27.43
C VAL B 149 -17.50 2.62 27.36
N LYS B 150 -16.70 2.58 26.30
CA LYS B 150 -15.64 3.59 26.14
C LYS B 150 -15.18 3.73 24.69
N VAL B 151 -15.00 4.97 24.24
CA VAL B 151 -14.45 5.21 22.90
C VAL B 151 -13.16 6.05 22.94
N ILE B 152 -12.09 5.48 22.38
CA ILE B 152 -10.77 6.09 22.42
C ILE B 152 -10.23 6.31 21.00
N PRO B 153 -10.27 7.56 20.53
CA PRO B 153 -9.80 7.89 19.17
C PRO B 153 -8.28 7.91 19.10
N THR B 154 -7.73 7.65 17.92
CA THR B 154 -6.28 7.67 17.74
C THR B 154 -5.76 9.09 17.55
N LYS B 155 -6.66 9.98 17.13
CA LYS B 155 -6.39 11.41 17.01
C LYS B 155 -5.43 11.74 15.87
N ASP B 156 -5.24 10.78 14.98
CA ASP B 156 -4.42 10.99 13.79
C ASP B 156 -5.29 10.75 12.58
N ARG B 157 -5.14 11.58 11.55
CA ARG B 157 -6.01 11.50 10.38
C ARG B 157 -5.71 10.28 9.52
N ARG B 158 -4.67 9.53 9.90
CA ARG B 158 -4.29 8.33 9.18
C ARG B 158 -4.21 7.13 10.12
N GLY B 159 -4.58 7.34 11.38
CA GLY B 159 -4.44 6.31 12.39
C GLY B 159 -5.56 5.28 12.40
N GLU B 160 -5.70 4.55 11.30
CA GLU B 160 -6.61 3.42 11.22
C GLU B 160 -6.08 2.27 12.06
N VAL B 161 -6.95 1.61 12.81
CA VAL B 161 -6.55 0.45 13.61
C VAL B 161 -6.57 -0.81 12.76
N LEU B 162 -5.43 -1.50 12.69
CA LEU B 162 -5.27 -2.62 11.77
C LEU B 162 -5.23 -3.96 12.48
N SER B 163 -4.88 -3.95 13.77
CA SER B 163 -4.75 -5.17 14.54
C SER B 163 -4.70 -4.92 16.05
N LEU B 164 -5.28 -5.84 16.81
CA LEU B 164 -5.31 -5.74 18.27
C LEU B 164 -4.77 -7.02 18.90
N ALA B 165 -4.16 -6.89 20.07
CA ALA B 165 -3.73 -8.04 20.83
C ALA B 165 -3.53 -7.66 22.29
N PHE B 166 -4.25 -8.35 23.17
CA PHE B 166 -4.08 -8.16 24.60
C PHE B 166 -2.84 -8.90 25.09
N ARG B 167 -2.15 -8.32 26.06
CA ARG B 167 -1.17 -9.06 26.82
C ARG B 167 -1.95 -10.11 27.60
N LYS B 168 -1.44 -11.33 27.62
CA LYS B 168 -2.17 -12.44 28.24
C LYS B 168 -2.27 -12.24 29.75
N ASN B 169 -3.42 -12.64 30.31
CA ASN B 169 -3.71 -12.44 31.72
C ASN B 169 -3.49 -11.00 32.17
N SER B 170 -3.97 -10.05 31.37
CA SER B 170 -3.75 -8.64 31.64
C SER B 170 -4.87 -7.79 31.01
N ASP B 171 -4.84 -6.49 31.30
CA ASP B 171 -5.76 -5.56 30.64
C ASP B 171 -5.00 -4.63 29.70
N GLN B 172 -3.74 -4.93 29.46
CA GLN B 172 -2.91 -4.13 28.57
C GLN B 172 -3.14 -4.51 27.11
N LEU B 173 -3.62 -3.54 26.33
CA LEU B 173 -3.96 -3.76 24.93
C LEU B 173 -2.94 -3.11 24.00
N TYR B 174 -2.59 -3.79 22.92
CA TYR B 174 -1.69 -3.24 21.92
C TYR B 174 -2.38 -3.17 20.55
N ALA B 175 -2.40 -1.98 19.97
CA ALA B 175 -3.05 -1.75 18.68
C ALA B 175 -2.05 -1.30 17.63
N SER B 176 -1.86 -2.10 16.60
CA SER B 176 -1.00 -1.72 15.49
C SER B 176 -1.81 -0.94 14.46
N CYS B 177 -1.25 0.18 13.99
CA CYS B 177 -2.03 1.12 13.19
C CYS B 177 -1.40 1.45 11.83
N ALA B 178 -2.14 2.19 11.02
CA ALA B 178 -1.76 2.43 9.64
C ALA B 178 -0.82 3.64 9.49
N ASP B 179 -0.70 4.44 10.55
CA ASP B 179 0.21 5.59 10.52
C ASP B 179 1.59 5.22 11.03
N PHE B 180 1.90 3.93 10.98
CA PHE B 180 3.23 3.38 11.25
C PHE B 180 3.52 3.31 12.75
N LYS B 181 2.50 3.55 13.57
CA LYS B 181 2.69 3.60 15.02
C LYS B 181 2.00 2.41 15.70
N ILE B 182 2.54 1.97 16.83
CA ILE B 182 1.81 1.05 17.69
C ILE B 182 1.34 1.77 18.95
N ARG B 183 0.05 1.74 19.23
CA ARG B 183 -0.47 2.41 20.42
C ARG B 183 -0.78 1.40 21.53
N THR B 184 -0.42 1.76 22.76
CA THR B 184 -0.71 0.90 23.90
C THR B 184 -1.81 1.50 24.77
N TYR B 185 -2.55 0.64 25.46
CA TYR B 185 -3.69 1.08 26.26
C TYR B 185 -3.81 0.24 27.53
N SER B 186 -4.37 0.84 28.58
CA SER B 186 -4.78 0.11 29.77
C SER B 186 -6.31 0.07 29.76
N ILE B 187 -6.88 -1.11 29.59
CA ILE B 187 -8.31 -1.23 29.27
C ILE B 187 -9.26 -0.98 30.44
N ASN B 188 -8.88 -1.35 31.66
CA ASN B 188 -9.71 -1.00 32.81
C ASN B 188 -9.33 0.36 33.41
N GLN B 189 -8.42 1.05 32.72
CA GLN B 189 -8.11 2.44 33.03
C GLN B 189 -8.72 3.34 31.95
N PHE B 190 -9.21 2.72 30.87
CA PHE B 190 -9.81 3.42 29.73
C PHE B 190 -8.92 4.54 29.17
N SER B 191 -7.61 4.32 29.21
CA SER B 191 -6.67 5.36 28.80
C SER B 191 -5.67 4.85 27.77
N GLN B 192 -4.99 5.79 27.11
CA GLN B 192 -3.89 5.44 26.23
C GLN B 192 -2.60 5.62 27.01
N LEU B 193 -1.75 4.61 27.00
CA LEU B 193 -0.53 4.64 27.79
C LEU B 193 0.60 5.33 27.03
N GLU B 194 0.93 4.80 25.85
CA GLU B 194 1.99 5.41 25.04
C GLU B 194 1.92 5.02 23.56
N ILE B 195 2.89 5.49 22.80
CA ILE B 195 3.00 5.21 21.37
C ILE B 195 4.43 4.76 21.04
N LEU B 196 4.53 3.73 20.20
CA LEU B 196 5.80 3.16 19.78
C LEU B 196 6.03 3.47 18.30
N TYR B 197 7.26 3.88 17.99
CA TYR B 197 7.64 4.26 16.65
C TYR B 197 8.79 3.38 16.17
N GLY B 198 8.81 3.07 14.89
CA GLY B 198 9.87 2.24 14.34
C GLY B 198 9.59 1.76 12.93
N HIS B 199 8.33 1.39 12.67
CA HIS B 199 7.98 0.83 11.37
C HIS B 199 7.94 1.91 10.28
N HIS B 200 8.15 1.49 9.04
CA HIS B 200 8.20 2.42 7.93
C HIS B 200 7.10 2.14 6.89
N ASP B 201 6.12 1.34 7.30
CA ASP B 201 4.91 1.11 6.53
C ASP B 201 3.82 0.77 7.53
N ILE B 202 2.62 0.47 7.04
CA ILE B 202 1.52 0.11 7.94
C ILE B 202 1.90 -1.09 8.79
N VAL B 203 1.48 -1.07 10.05
CA VAL B 203 1.75 -2.19 10.94
C VAL B 203 0.57 -3.14 10.88
N GLU B 204 0.67 -4.15 10.02
CA GLU B 204 -0.45 -5.01 9.67
C GLU B 204 -0.90 -5.94 10.80
N ASP B 205 0.05 -6.59 11.44
CA ASP B 205 -0.28 -7.60 12.43
C ASP B 205 0.58 -7.49 13.68
N ILE B 206 -0.01 -7.88 14.81
CA ILE B 206 0.65 -7.76 16.10
C ILE B 206 0.27 -8.93 17.00
N SER B 207 1.23 -9.44 17.77
CA SER B 207 1.01 -10.58 18.64
C SER B 207 1.66 -10.38 20.00
N ALA B 208 1.02 -10.87 21.06
CA ALA B 208 1.54 -10.72 22.40
C ALA B 208 1.23 -11.94 23.26
N LEU B 209 2.09 -12.21 24.24
CA LEU B 209 1.85 -13.27 25.20
C LEU B 209 1.65 -12.73 26.62
N ALA B 210 2.36 -13.32 27.58
CA ALA B 210 2.20 -12.95 28.98
C ALA B 210 3.17 -11.86 29.40
N MET B 211 4.32 -11.80 28.72
CA MET B 211 5.31 -10.77 29.00
C MET B 211 4.82 -9.41 28.55
N GLU B 212 5.42 -8.34 29.08
CA GLU B 212 5.09 -6.99 28.67
C GLU B 212 5.86 -6.65 27.40
N ARG B 213 5.61 -7.42 26.34
CA ARG B 213 6.28 -7.20 25.07
C ARG B 213 5.36 -7.63 23.92
N CYS B 214 5.70 -7.24 22.70
CA CYS B 214 4.90 -7.65 21.55
C CYS B 214 5.70 -7.74 20.26
N VAL B 215 5.24 -8.55 19.31
CA VAL B 215 5.82 -8.58 17.98
C VAL B 215 4.88 -7.88 17.01
N THR B 216 5.45 -7.07 16.13
CA THR B 216 4.67 -6.39 15.10
C THR B 216 5.27 -6.74 13.76
N VAL B 217 4.46 -6.62 12.71
CA VAL B 217 4.97 -6.84 11.36
C VAL B 217 4.63 -5.67 10.46
N GLY B 218 5.56 -5.31 9.58
CA GLY B 218 5.48 -4.03 8.89
C GLY B 218 5.14 -4.01 7.41
N ALA B 219 4.63 -5.11 6.88
CA ALA B 219 4.20 -5.18 5.49
C ALA B 219 5.35 -4.94 4.50
N ARG B 220 5.30 -3.81 3.80
CA ARG B 220 6.32 -3.51 2.79
C ARG B 220 7.68 -3.08 3.32
N ASP B 221 7.78 -2.76 4.61
CA ASP B 221 9.10 -2.52 5.18
C ASP B 221 9.88 -3.83 5.34
N ARG B 222 9.15 -4.93 5.16
CA ARG B 222 9.68 -6.28 5.26
C ARG B 222 10.50 -6.52 6.52
N THR B 223 10.01 -5.99 7.64
CA THR B 223 10.62 -6.26 8.94
C THR B 223 9.61 -6.80 9.93
N ALA B 224 10.11 -7.52 10.93
CA ALA B 224 9.34 -7.86 12.11
C ALA B 224 10.02 -7.13 13.24
N MET B 225 9.26 -6.65 14.22
CA MET B 225 9.87 -5.92 15.32
C MET B 225 9.39 -6.38 16.69
N LEU B 226 10.34 -6.63 17.58
CA LEU B 226 10.02 -7.10 18.91
C LEU B 226 10.17 -5.95 19.90
N TRP B 227 9.05 -5.52 20.46
CA TRP B 227 9.01 -4.39 21.36
C TRP B 227 9.01 -4.83 22.80
N LYS B 228 10.09 -4.51 23.50
CA LYS B 228 10.22 -4.72 24.94
C LYS B 228 9.82 -3.46 25.67
N ILE B 229 8.52 -3.32 25.92
CA ILE B 229 7.95 -2.10 26.50
C ILE B 229 8.65 -1.56 27.77
N PRO B 230 8.93 -2.44 28.77
CA PRO B 230 9.53 -1.88 29.98
C PRO B 230 11.00 -1.53 29.82
N ASP B 231 11.68 -2.19 28.89
CA ASP B 231 13.10 -1.97 28.69
C ASP B 231 13.35 -0.79 27.75
N GLU B 232 12.27 -0.26 27.18
CA GLU B 232 12.35 0.82 26.20
C GLU B 232 13.32 0.49 25.07
N THR B 233 13.32 -0.77 24.65
CA THR B 233 14.18 -1.22 23.56
C THR B 233 13.36 -2.02 22.55
N ARG B 234 13.97 -2.34 21.42
CA ARG B 234 13.30 -3.09 20.37
C ARG B 234 14.26 -3.82 19.43
N LEU B 235 13.94 -5.06 19.10
CA LEU B 235 14.70 -5.84 18.13
C LEU B 235 14.08 -5.71 16.75
N THR B 236 14.93 -5.75 15.72
CA THR B 236 14.47 -5.65 14.34
C THR B 236 14.98 -6.82 13.50
N PHE B 237 14.06 -7.49 12.83
CA PHE B 237 14.36 -8.68 12.03
C PHE B 237 13.97 -8.37 10.59
N ARG B 238 14.82 -8.73 9.64
CA ARG B 238 14.61 -8.30 8.26
C ARG B 238 14.41 -9.44 7.26
N GLY B 239 13.41 -9.30 6.41
CA GLY B 239 13.19 -10.20 5.30
C GLY B 239 13.56 -9.53 4.00
N GLY B 240 12.80 -9.80 2.94
CA GLY B 240 13.00 -9.14 1.67
C GLY B 240 14.27 -9.54 0.95
N ASP B 241 14.62 -10.82 1.03
CA ASP B 241 15.84 -11.33 0.40
C ASP B 241 15.69 -11.53 -1.11
N GLU B 242 16.55 -10.87 -1.88
CA GLU B 242 16.64 -11.06 -3.32
C GLU B 242 16.75 -12.54 -3.71
N PRO B 243 15.83 -13.02 -4.55
CA PRO B 243 15.77 -14.40 -5.05
C PRO B 243 17.01 -14.79 -5.83
N GLN B 244 17.57 -13.86 -6.59
CA GLN B 244 18.78 -14.12 -7.36
C GLN B 244 19.94 -14.37 -6.41
N LYS B 245 19.95 -13.60 -5.32
CA LYS B 245 20.97 -13.74 -4.28
C LYS B 245 20.78 -15.06 -3.56
N LEU B 246 19.53 -15.42 -3.29
CA LEU B 246 19.20 -16.68 -2.62
C LEU B 246 19.64 -17.89 -3.45
N LEU B 247 19.33 -17.86 -4.74
CA LEU B 247 19.77 -18.92 -5.64
C LEU B 247 21.29 -18.96 -5.69
N ARG B 248 21.92 -17.79 -5.71
CA ARG B 248 23.37 -17.70 -5.77
C ARG B 248 24.04 -18.32 -4.54
N ARG B 249 23.42 -18.13 -3.37
CA ARG B 249 23.93 -18.70 -2.13
C ARG B 249 23.43 -20.14 -1.95
N TRP B 250 22.54 -20.58 -2.83
CA TRP B 250 22.06 -21.96 -2.82
C TRP B 250 22.92 -22.81 -3.77
N MET B 251 23.51 -22.16 -4.76
CA MET B 251 24.38 -22.84 -5.73
C MET B 251 25.70 -23.32 -5.13
N LYS B 252 25.88 -23.07 -3.83
CA LYS B 252 27.05 -23.55 -3.10
C LYS B 252 26.91 -25.05 -2.85
N GLU B 253 25.69 -25.53 -3.07
CA GLU B 253 25.33 -26.95 -2.97
C GLU B 253 26.39 -27.90 -3.53
N PHE B 274 13.65 -18.16 -4.66
CA PHE B 274 12.47 -18.54 -5.43
C PHE B 274 11.56 -17.34 -5.72
N PHE B 275 10.54 -17.15 -4.88
CA PHE B 275 9.55 -16.10 -5.09
C PHE B 275 9.90 -14.80 -4.37
N CYS B 276 9.67 -13.67 -5.07
CA CYS B 276 9.89 -12.35 -4.49
C CYS B 276 9.05 -12.11 -3.25
N GLU B 277 9.68 -11.58 -2.21
CA GLU B 277 8.97 -11.16 -1.03
C GLU B 277 8.78 -9.65 -1.11
N GLY B 278 7.52 -9.21 -1.05
CA GLY B 278 7.23 -7.80 -1.14
C GLY B 278 6.57 -7.27 0.13
N SER B 279 6.04 -8.19 0.93
CA SER B 279 5.31 -7.83 2.13
C SER B 279 5.33 -8.96 3.14
N ILE B 280 5.65 -8.64 4.39
CA ILE B 280 5.47 -9.61 5.48
C ILE B 280 4.19 -9.22 6.22
N ASP B 281 3.17 -10.08 6.12
CA ASP B 281 1.80 -9.68 6.43
C ASP B 281 1.28 -10.16 7.78
N VAL B 282 1.68 -11.36 8.20
CA VAL B 282 1.15 -11.88 9.46
C VAL B 282 2.24 -12.32 10.44
N VAL B 283 1.86 -12.44 11.70
CA VAL B 283 2.82 -12.75 12.76
C VAL B 283 2.10 -13.41 13.95
N SER B 284 2.81 -14.29 14.63
CA SER B 284 2.30 -14.92 15.84
C SER B 284 3.45 -15.31 16.73
N MET B 285 3.31 -15.06 18.04
CA MET B 285 4.38 -15.41 18.97
C MET B 285 4.13 -16.79 19.58
N VAL B 286 5.14 -17.66 19.49
CA VAL B 286 5.01 -19.02 20.00
C VAL B 286 5.48 -19.16 21.46
N ASP B 287 6.59 -18.50 21.77
CA ASP B 287 6.99 -18.30 23.17
C ASP B 287 7.68 -16.95 23.37
N ASP B 288 8.28 -16.74 24.54
CA ASP B 288 8.92 -15.47 24.84
C ASP B 288 10.25 -15.32 24.10
N PHE B 289 10.63 -16.34 23.35
CA PHE B 289 11.93 -16.35 22.68
C PHE B 289 11.84 -16.63 21.18
N HIS B 290 10.62 -16.89 20.69
CA HIS B 290 10.45 -17.24 19.28
C HIS B 290 9.14 -16.69 18.70
N PHE B 291 9.13 -16.49 17.39
CA PHE B 291 7.89 -16.11 16.72
C PHE B 291 7.88 -16.56 15.27
N ILE B 292 6.71 -16.52 14.64
CA ILE B 292 6.56 -16.89 13.25
C ILE B 292 5.95 -15.75 12.44
N THR B 293 6.38 -15.63 11.18
CA THR B 293 5.80 -14.64 10.28
C THR B 293 5.29 -15.32 9.01
N GLY B 294 4.40 -14.63 8.32
CA GLY B 294 3.87 -15.12 7.05
C GLY B 294 3.85 -14.00 6.02
N SER B 295 4.31 -14.32 4.82
CA SER B 295 4.50 -13.34 3.75
C SER B 295 3.59 -13.59 2.55
N ASP B 296 3.53 -12.61 1.65
CA ASP B 296 2.73 -12.72 0.44
C ASP B 296 3.45 -13.45 -0.68
N ASN B 297 4.48 -14.22 -0.33
CA ASN B 297 5.12 -15.13 -1.26
C ASN B 297 5.02 -16.56 -0.77
N GLY B 298 4.22 -16.75 0.28
CA GLY B 298 3.94 -18.07 0.81
C GLY B 298 4.92 -18.53 1.87
N ASN B 299 5.90 -17.69 2.18
CA ASN B 299 6.89 -18.05 3.19
C ASN B 299 6.35 -18.01 4.61
N ILE B 300 6.54 -19.09 5.35
CA ILE B 300 6.27 -19.11 6.78
C ILE B 300 7.62 -19.22 7.48
N CYS B 301 8.00 -18.19 8.23
CA CYS B 301 9.32 -18.16 8.83
C CYS B 301 9.29 -18.28 10.35
N LEU B 302 10.20 -19.12 10.87
CA LEU B 302 10.43 -19.24 12.30
C LEU B 302 11.67 -18.43 12.68
N TRP B 303 11.49 -17.59 13.68
CA TRP B 303 12.50 -16.65 14.16
C TRP B 303 12.78 -16.86 15.64
N SER B 304 14.06 -16.72 16.00
CA SER B 304 14.47 -16.60 17.40
C SER B 304 14.94 -15.17 17.67
N LEU B 305 14.66 -14.67 18.87
CA LEU B 305 15.06 -13.32 19.26
C LEU B 305 16.58 -13.09 19.21
N ALA B 306 17.35 -14.18 19.28
CA ALA B 306 18.80 -14.10 19.30
C ALA B 306 19.42 -13.97 17.91
N LYS B 307 18.71 -14.43 16.89
CA LYS B 307 19.25 -14.45 15.54
C LYS B 307 18.67 -13.32 14.69
N LYS B 308 19.47 -12.79 13.77
CA LYS B 308 19.05 -11.66 12.95
C LYS B 308 18.17 -12.11 11.79
N LYS B 309 18.50 -13.25 11.20
CA LYS B 309 17.73 -13.80 10.09
C LYS B 309 16.84 -14.96 10.58
N PRO B 310 15.91 -15.43 9.73
CA PRO B 310 15.05 -16.52 10.23
C PRO B 310 15.83 -17.80 10.50
N ILE B 311 15.50 -18.48 11.59
CA ILE B 311 16.15 -19.74 11.90
C ILE B 311 15.57 -20.83 11.00
N PHE B 312 14.36 -20.62 10.48
CA PHE B 312 13.79 -21.59 9.54
C PHE B 312 12.77 -21.00 8.57
N THR B 313 12.77 -21.49 7.34
CA THR B 313 11.83 -21.01 6.34
C THR B 313 11.15 -22.14 5.58
N GLU B 314 9.83 -22.13 5.56
CA GLU B 314 9.07 -23.00 4.68
C GLU B 314 8.53 -22.17 3.53
N ARG B 315 9.09 -22.36 2.34
CA ARG B 315 8.70 -21.56 1.19
C ARG B 315 7.43 -22.11 0.57
N ILE B 316 6.65 -21.23 -0.05
CA ILE B 316 5.31 -21.55 -0.57
C ILE B 316 4.51 -22.56 0.26
N ALA B 317 4.32 -22.22 1.54
CA ALA B 317 3.66 -23.10 2.49
C ALA B 317 2.27 -23.55 2.05
N HIS B 318 1.63 -22.73 1.20
CA HIS B 318 0.29 -23.02 0.74
C HIS B 318 0.23 -23.22 -0.77
N GLY B 319 1.40 -23.46 -1.36
CA GLY B 319 1.50 -23.78 -2.78
C GLY B 319 1.34 -22.59 -3.70
N ILE B 320 1.10 -22.87 -4.98
CA ILE B 320 0.90 -21.84 -5.98
C ILE B 320 -0.45 -22.01 -6.67
N LEU B 321 -0.92 -20.93 -7.32
CA LEU B 321 -2.11 -20.84 -8.20
C LEU B 321 -3.03 -19.71 -7.75
N LEU B 347 4.09 -16.42 -14.67
CA LEU B 347 3.23 -17.58 -14.75
C LEU B 347 2.87 -18.13 -13.38
N LEU B 348 3.85 -18.18 -12.48
CA LEU B 348 3.62 -18.74 -11.15
C LEU B 348 3.32 -17.65 -10.13
N GLN B 349 2.22 -17.85 -9.40
CA GLN B 349 1.86 -16.95 -8.30
C GLN B 349 1.70 -17.79 -7.04
N PRO B 350 2.38 -17.39 -5.96
CA PRO B 350 2.23 -18.11 -4.70
C PRO B 350 1.01 -17.65 -3.91
N PHE B 351 0.42 -18.54 -3.13
CA PHE B 351 -0.63 -18.16 -2.20
C PHE B 351 -0.02 -17.38 -1.05
N TRP B 352 -0.56 -16.20 -0.76
CA TRP B 352 -0.12 -15.42 0.38
C TRP B 352 -0.47 -16.14 1.65
N ILE B 353 0.26 -15.86 2.72
CA ILE B 353 -0.17 -16.28 4.03
C ILE B 353 -1.03 -15.15 4.58
N THR B 354 -2.30 -15.43 4.82
CA THR B 354 -3.24 -14.40 5.25
C THR B 354 -3.65 -14.62 6.70
N SER B 355 -3.21 -15.74 7.26
CA SER B 355 -3.54 -16.05 8.65
C SER B 355 -2.50 -16.98 9.27
N LEU B 356 -2.18 -16.73 10.54
CA LEU B 356 -1.11 -17.44 11.23
C LEU B 356 -1.33 -17.38 12.73
N TYR B 357 -1.50 -18.54 13.35
CA TYR B 357 -1.75 -18.60 14.79
C TYR B 357 -0.96 -19.71 15.47
N ALA B 358 0.02 -19.31 16.28
CA ALA B 358 0.71 -20.24 17.15
C ALA B 358 -0.03 -20.31 18.46
N ILE B 359 -0.51 -21.48 18.83
CA ILE B 359 -1.12 -21.64 20.14
C ILE B 359 0.00 -21.52 21.18
N PRO B 360 -0.21 -20.64 22.17
CA PRO B 360 0.85 -20.15 23.06
C PRO B 360 1.64 -21.24 23.79
N TYR B 361 2.97 -21.19 23.67
CA TYR B 361 3.88 -22.05 24.41
C TYR B 361 3.77 -23.51 23.99
N SER B 362 3.18 -23.73 22.82
CA SER B 362 3.05 -25.08 22.28
C SER B 362 3.95 -25.27 21.07
N ASN B 363 3.91 -26.47 20.49
CA ASN B 363 4.74 -26.77 19.33
C ASN B 363 3.94 -26.86 18.03
N VAL B 364 2.68 -26.46 18.08
CA VAL B 364 1.83 -26.48 16.91
C VAL B 364 1.38 -25.07 16.52
N PHE B 365 1.35 -24.79 15.23
CA PHE B 365 0.71 -23.56 14.75
C PHE B 365 -0.11 -23.82 13.49
N ILE B 366 -1.11 -22.99 13.25
CA ILE B 366 -1.99 -23.17 12.11
C ILE B 366 -1.90 -21.98 11.17
N SER B 367 -1.91 -22.28 9.87
CA SER B 367 -1.76 -21.26 8.84
C SER B 367 -2.90 -21.31 7.85
N GLY B 368 -3.23 -20.15 7.28
CA GLY B 368 -4.33 -20.06 6.33
C GLY B 368 -4.07 -19.06 5.22
N SER B 369 -4.69 -19.35 4.07
CA SER B 369 -4.64 -18.51 2.88
C SER B 369 -6.02 -18.46 2.27
N TRP B 370 -6.10 -18.62 0.95
CA TRP B 370 -7.37 -18.87 0.28
C TRP B 370 -7.33 -20.12 -0.59
N SER B 371 -6.44 -21.04 -0.24
CA SER B 371 -6.14 -22.20 -1.08
C SER B 371 -7.03 -23.40 -0.78
N GLY B 372 -7.91 -23.26 0.21
CA GLY B 372 -8.92 -24.26 0.45
C GLY B 372 -8.69 -25.14 1.66
N SER B 373 -7.63 -24.85 2.41
CA SER B 373 -7.31 -25.67 3.58
C SER B 373 -6.49 -24.93 4.63
N LEU B 374 -6.63 -25.36 5.88
CA LEU B 374 -5.91 -24.79 6.99
C LEU B 374 -4.76 -25.73 7.32
N LYS B 375 -3.53 -25.28 7.12
CA LYS B 375 -2.40 -26.17 7.35
C LYS B 375 -1.94 -26.13 8.80
N VAL B 376 -1.89 -27.31 9.42
CA VAL B 376 -1.40 -27.40 10.80
C VAL B 376 0.00 -27.99 10.83
N TRP B 377 0.88 -27.25 11.51
CA TRP B 377 2.32 -27.50 11.52
C TRP B 377 2.83 -27.76 12.93
N LYS B 378 3.94 -28.50 13.02
CA LYS B 378 4.59 -28.81 14.29
C LYS B 378 6.02 -28.33 14.32
N ILE B 379 6.39 -27.62 15.38
CA ILE B 379 7.75 -27.13 15.57
C ILE B 379 8.62 -28.19 16.23
N SER B 380 9.87 -28.28 15.81
CA SER B 380 10.84 -29.20 16.42
C SER B 380 10.97 -28.94 17.92
N ASP B 381 11.37 -29.96 18.67
CA ASP B 381 11.59 -29.79 20.10
C ASP B 381 12.79 -28.90 20.38
N ASN B 382 13.67 -28.80 19.38
CA ASN B 382 14.84 -27.93 19.47
C ASN B 382 14.59 -26.57 18.81
N LEU B 383 13.33 -26.34 18.41
CA LEU B 383 12.89 -25.07 17.83
C LEU B 383 13.71 -24.58 16.64
N ARG B 384 14.28 -25.50 15.85
CA ARG B 384 15.09 -25.10 14.71
C ARG B 384 14.40 -25.40 13.39
N SER B 385 13.17 -25.90 13.47
CA SER B 385 12.42 -26.28 12.28
C SER B 385 10.97 -26.58 12.61
N PHE B 386 10.14 -26.64 11.57
CA PHE B 386 8.78 -27.14 11.70
C PHE B 386 8.40 -27.99 10.50
N GLU B 387 7.35 -28.78 10.65
CA GLU B 387 6.94 -29.74 9.62
C GLU B 387 5.43 -29.81 9.53
N LEU B 388 4.94 -30.17 8.35
CA LEU B 388 3.50 -30.24 8.11
C LEU B 388 2.88 -31.42 8.84
N LEU B 389 2.04 -31.13 9.83
CA LEU B 389 1.32 -32.19 10.54
C LEU B 389 0.14 -32.64 9.70
N GLY B 390 -0.62 -31.70 9.16
CA GLY B 390 -1.78 -32.07 8.37
C GLY B 390 -2.54 -30.90 7.78
N GLU B 391 -3.66 -31.21 7.12
CA GLU B 391 -4.51 -30.19 6.53
C GLU B 391 -5.98 -30.30 6.96
N LEU B 392 -6.63 -29.16 7.12
CA LEU B 392 -8.06 -29.10 7.38
C LEU B 392 -8.72 -28.56 6.12
N SER B 393 -9.30 -29.45 5.32
CA SER B 393 -9.65 -29.10 3.94
C SER B 393 -11.08 -28.60 3.74
N GLY B 394 -11.83 -28.46 4.83
CA GLY B 394 -13.17 -27.92 4.74
C GLY B 394 -13.19 -26.41 4.80
N ALA B 395 -12.00 -25.81 4.78
CA ALA B 395 -11.84 -24.38 5.03
C ALA B 395 -11.63 -23.59 3.75
N LYS B 396 -12.61 -23.65 2.85
CA LYS B 396 -12.56 -22.87 1.62
C LYS B 396 -12.88 -21.41 1.88
N GLY B 397 -12.33 -20.52 1.06
CA GLY B 397 -12.53 -19.10 1.22
C GLY B 397 -11.26 -18.41 1.66
N VAL B 398 -11.34 -17.10 1.90
CA VAL B 398 -10.20 -16.35 2.39
C VAL B 398 -10.19 -16.36 3.90
N VAL B 399 -9.22 -17.06 4.49
CA VAL B 399 -9.09 -17.05 5.95
C VAL B 399 -8.53 -15.71 6.38
N THR B 400 -9.26 -15.04 7.26
CA THR B 400 -8.89 -13.70 7.68
C THR B 400 -8.33 -13.65 9.10
N LYS B 401 -8.66 -14.67 9.89
CA LYS B 401 -8.21 -14.76 11.27
C LYS B 401 -8.45 -16.16 11.82
N ILE B 402 -7.52 -16.63 12.65
CA ILE B 402 -7.64 -17.94 13.28
C ILE B 402 -7.50 -17.83 14.79
N GLN B 403 -8.34 -18.58 15.51
CA GLN B 403 -8.28 -18.67 16.95
C GLN B 403 -8.40 -20.13 17.35
N VAL B 404 -7.84 -20.48 18.50
CA VAL B 404 -7.94 -21.86 18.98
C VAL B 404 -8.35 -21.87 20.45
N VAL B 405 -9.37 -22.67 20.75
CA VAL B 405 -9.92 -22.74 22.09
C VAL B 405 -9.81 -24.19 22.55
N GLU B 406 -9.79 -24.44 23.85
CA GLU B 406 -9.68 -25.83 24.33
C GLU B 406 -10.57 -26.19 25.52
N SER B 407 -10.80 -27.49 25.67
CA SER B 407 -11.62 -28.01 26.77
C SER B 407 -11.05 -29.34 27.24
N LYS B 414 -9.55 -31.53 24.18
CA LYS B 414 -10.18 -31.23 22.89
C LYS B 414 -9.85 -29.83 22.41
N PHE B 415 -9.32 -29.72 21.20
CA PHE B 415 -9.06 -28.42 20.59
C PHE B 415 -10.12 -28.05 19.56
N ARG B 416 -10.56 -26.80 19.61
CA ARG B 416 -11.47 -26.26 18.62
C ARG B 416 -10.85 -25.08 17.88
N ILE B 417 -10.58 -25.29 16.60
CA ILE B 417 -10.08 -24.25 15.72
C ILE B 417 -11.24 -23.48 15.11
N LEU B 418 -11.23 -22.16 15.29
CA LEU B 418 -12.20 -21.30 14.65
C LEU B 418 -11.48 -20.37 13.69
N ALA B 419 -12.09 -20.13 12.55
CA ALA B 419 -11.45 -19.27 11.55
C ALA B 419 -12.50 -18.44 10.85
N SER B 420 -12.27 -17.12 10.77
CA SER B 420 -13.18 -16.26 10.05
C SER B 420 -12.94 -16.36 8.55
N ILE B 421 -14.00 -16.66 7.81
CA ILE B 421 -13.93 -16.84 6.37
C ILE B 421 -14.75 -15.80 5.63
N ALA B 422 -14.09 -15.13 4.70
CA ALA B 422 -14.69 -14.07 3.90
C ALA B 422 -14.48 -14.30 2.40
N LYS B 423 -15.09 -13.44 1.59
CA LYS B 423 -14.88 -13.49 0.15
C LYS B 423 -13.76 -12.54 -0.24
N GLU B 424 -13.41 -11.64 0.68
CA GLU B 424 -12.37 -10.65 0.42
C GLU B 424 -11.28 -10.65 1.48
N HIS B 425 -10.13 -10.12 1.10
CA HIS B 425 -9.01 -9.90 2.00
C HIS B 425 -9.40 -8.81 3.01
N ARG B 426 -8.99 -8.98 4.27
CA ARG B 426 -9.29 -8.04 5.34
C ARG B 426 -9.11 -6.58 4.94
N LEU B 427 -7.99 -6.30 4.27
CA LEU B 427 -7.53 -4.93 4.09
C LEU B 427 -7.85 -4.40 2.71
N GLY B 428 -8.38 -5.26 1.85
CA GLY B 428 -8.79 -4.84 0.53
C GLY B 428 -7.81 -5.18 -0.56
N ARG B 429 -6.74 -5.89 -0.22
CA ARG B 429 -5.85 -6.44 -1.24
C ARG B 429 -6.69 -7.28 -2.18
N TRP B 430 -6.37 -7.21 -3.47
CA TRP B 430 -7.21 -7.87 -4.47
C TRP B 430 -6.81 -9.32 -4.70
N ILE B 431 -7.83 -10.18 -4.70
CA ILE B 431 -7.66 -11.61 -4.94
C ILE B 431 -8.43 -11.92 -6.22
N ALA B 432 -7.73 -12.46 -7.22
CA ALA B 432 -8.32 -12.72 -8.53
C ALA B 432 -9.50 -13.69 -8.50
N ASN B 433 -9.31 -14.87 -7.93
CA ASN B 433 -10.39 -15.85 -7.87
C ASN B 433 -10.21 -16.82 -6.72
N VAL B 434 -10.92 -16.55 -5.64
CA VAL B 434 -11.02 -17.47 -4.52
C VAL B 434 -12.07 -18.55 -4.80
N SER B 435 -11.64 -19.80 -4.75
CA SER B 435 -12.55 -20.92 -4.97
C SER B 435 -13.32 -21.17 -3.69
N GLY B 436 -14.65 -21.27 -3.83
CA GLY B 436 -15.50 -21.48 -2.67
C GLY B 436 -15.62 -20.28 -1.77
N ALA B 437 -15.64 -19.09 -2.37
CA ALA B 437 -15.81 -17.86 -1.61
C ALA B 437 -17.14 -17.88 -0.88
N ARG B 438 -17.13 -17.46 0.39
CA ARG B 438 -18.29 -17.57 1.26
C ARG B 438 -18.11 -16.72 2.51
N ASN B 439 -19.16 -16.59 3.31
CA ASN B 439 -19.11 -15.75 4.50
C ASN B 439 -19.52 -16.51 5.76
N GLY B 440 -18.59 -16.67 6.70
CA GLY B 440 -18.93 -17.32 7.94
C GLY B 440 -17.78 -17.81 8.79
N ILE B 441 -18.07 -18.77 9.67
CA ILE B 441 -17.09 -19.25 10.63
C ILE B 441 -16.79 -20.73 10.43
N TYR B 442 -15.52 -21.02 10.11
CA TYR B 442 -15.08 -22.40 10.02
C TYR B 442 -14.72 -22.93 11.40
N SER B 443 -15.16 -24.16 11.69
CA SER B 443 -14.86 -24.80 12.94
C SER B 443 -14.30 -26.19 12.71
N ALA B 444 -13.29 -26.54 13.50
CA ALA B 444 -12.68 -27.86 13.44
C ALA B 444 -12.45 -28.37 14.86
N VAL B 445 -12.97 -29.54 15.17
CA VAL B 445 -12.74 -30.14 16.48
C VAL B 445 -11.78 -31.31 16.34
N ILE B 446 -10.67 -31.23 17.06
CA ILE B 446 -9.59 -32.21 16.96
C ILE B 446 -9.32 -32.86 18.31
N ASP B 447 -9.24 -34.19 18.30
CA ASP B 447 -9.08 -34.97 19.54
C ASP B 447 -7.61 -35.26 19.84
N GLN B 448 -7.35 -35.69 21.08
CA GLN B 448 -6.00 -36.02 21.54
C GLN B 448 -5.08 -34.80 21.57
#